data_3WPD
#
_entry.id   3WPD
#
_cell.length_a   117.550
_cell.length_b   117.080
_cell.length_c   69.570
_cell.angle_alpha   90.00
_cell.angle_beta   105.46
_cell.angle_gamma   90.00
#
_symmetry.space_group_name_H-M   'C 1 2 1'
#
loop_
_entity.id
_entity.type
_entity.pdbx_description
1 polymer 'Toll-like receptor 9'
2 polymer "DNA (5'-D(*CP*CP*TP*GP*GP*AP*TP*GP*GP*G)-3')"
3 branched 2-acetamido-2-deoxy-beta-D-glucopyranose-(1-4)-2-acetamido-2-deoxy-beta-D-glucopyranose
4 non-polymer 'SULFATE ION'
5 non-polymer 2-acetamido-2-deoxy-beta-D-glucopyranose
6 water water
#
loop_
_entity_poly.entity_id
_entity_poly.type
_entity_poly.pdbx_seq_one_letter_code
_entity_poly.pdbx_strand_id
1 'polypeptide(L)'
;RSPWQGTLPPFLPCELQPHGLVNCNWLFLKSVPHFSAAAPRDNVTSLSLLSNRIHHLHDSDFAQLSNLQKLNLKWNCPPA
GLSPMHFPCHMTIEPNTFLAVPTLEELNLSYNGITTVPALPSSLVSLILSRTNILQLDPTSLTGLHALRFLYMDGNCYYK
NPCGRALEVAPGALLGLGNLTHLSLKYNNLTTVPRSLPPSLEYLLLSYNHIVTLAPEDLANLTALRVLDVGGNCRRCDHA
RNPCVECPHKFPQLHSDTFSHLSRLEGLVLKDSSLYQLNPRWFRGLGNLTVLDLSENFLYDCITKTKAFQGLAQLRRLNL
SFNYHKKVSFAHLTLAPSFGSLLSLQELDMHGIFFRSLSQKTLQPLARLPMLQRLYLQMNFINQAQLGIFKDFPGLRYID
LSDNRISGAVEPVATTGEVDGGKKVWLTSRDLTPGPLDTPSSEDFMPSCKNLSFTLDLSRNNLVTVQPEMFAQLSRLQCL
RLSHNSISQAVNGSQFVPLTSLQVLDLSHNKLDLYHGRSFTELPRLEALDLSYNSQPFSMRGVGHNLSFVAQLPTLRYLS
LAHNGIHSRVSQQLCSTSLWALDFSGNSLSQMWAEGDLYLRFFQGLRSLIRLDLSQNRLHTLLPCTLGNLPKSLQLLRLR
NNYLAFFNWSSLTLLPNLETLDLAGNQLKALSNGSLPSGTQLQRLDVSRNSIIFVVPGFFALATRLRELNLSANALRTVE
PSWFGFLAGSLEVLDVSANPLHCACGAAFVDFLLQVQAAVPGLPSRVKCGSPGQLQGRSIFAQDLRLCLDESLSWDEFLV
PR
;
A
2 'polydeoxyribonucleotide' (DC)(DC)(DT)(DG)(DG)(DA)(DT)(DG)(DG)(DG) C
#
# COMPACT_ATOMS: atom_id res chain seq x y z
N THR A 7 -18.17 18.53 27.04
CA THR A 7 -19.25 18.37 26.00
C THR A 7 -19.13 17.02 25.37
N LEU A 8 -20.26 16.37 25.07
CA LEU A 8 -20.27 15.14 24.27
C LEU A 8 -19.63 15.35 22.88
N PRO A 9 -19.02 14.29 22.32
CA PRO A 9 -18.63 14.47 20.92
C PRO A 9 -19.90 14.68 20.06
N PRO A 10 -19.90 15.75 19.25
CA PRO A 10 -21.09 16.18 18.51
C PRO A 10 -21.86 15.07 17.76
N PHE A 11 -21.19 14.28 16.92
CA PHE A 11 -21.93 13.37 16.04
C PHE A 11 -21.95 11.91 16.47
N LEU A 12 -21.93 11.66 17.78
CA LEU A 12 -22.18 10.30 18.28
C LEU A 12 -23.22 9.56 17.42
N PRO A 13 -22.96 8.31 17.01
CA PRO A 13 -21.81 7.46 17.27
C PRO A 13 -20.62 7.70 16.33
N CYS A 14 -20.72 8.73 15.49
CA CYS A 14 -19.73 9.00 14.46
C CYS A 14 -18.63 9.97 14.93
N GLU A 15 -17.58 10.04 14.13
CA GLU A 15 -16.39 10.76 14.43
C GLU A 15 -16.18 11.88 13.42
N LEU A 16 -15.86 13.07 13.95
CA LEU A 16 -15.58 14.22 13.11
C LEU A 16 -14.11 14.17 12.85
N GLN A 17 -13.69 14.76 11.73
CA GLN A 17 -12.38 14.50 11.19
C GLN A 17 -12.04 15.71 10.32
N PRO A 18 -10.76 15.82 9.94
CA PRO A 18 -10.37 16.94 9.11
C PRO A 18 -11.12 17.04 7.75
N HIS A 19 -11.34 18.28 7.30
CA HIS A 19 -12.03 18.64 6.07
C HIS A 19 -13.50 18.25 6.15
N GLY A 20 -14.12 18.73 7.22
CA GLY A 20 -15.50 18.44 7.58
C GLY A 20 -16.02 17.08 7.20
N LEU A 21 -15.32 16.02 7.63
CA LEU A 21 -15.73 14.63 7.36
C LEU A 21 -16.37 13.96 8.59
N VAL A 22 -17.67 13.78 8.53
CA VAL A 22 -18.33 12.96 9.51
C VAL A 22 -18.10 11.51 9.09
N ASN A 23 -17.46 10.73 9.96
CA ASN A 23 -17.15 9.36 9.62
C ASN A 23 -18.00 8.42 10.44
N CYS A 24 -18.95 7.77 9.77
CA CYS A 24 -19.82 6.78 10.40
C CYS A 24 -19.54 5.35 9.92
N ASN A 25 -18.44 5.15 9.22
CA ASN A 25 -18.06 3.82 8.72
C ASN A 25 -18.09 2.71 9.76
N TRP A 26 -18.65 1.56 9.38
CA TRP A 26 -18.40 0.29 10.08
C TRP A 26 -19.06 0.14 11.44
N LEU A 27 -20.11 0.91 11.71
CA LEU A 27 -20.72 0.91 13.05
C LEU A 27 -22.02 0.09 13.20
N PHE A 28 -22.29 -0.81 12.26
CA PHE A 28 -23.46 -1.67 12.38
C PHE A 28 -24.80 -0.93 12.44
N LEU A 29 -24.90 0.19 11.73
CA LEU A 29 -26.09 1.05 11.78
C LEU A 29 -27.24 0.54 10.89
N LYS A 30 -28.45 0.49 11.46
CA LYS A 30 -29.63 0.06 10.68
C LYS A 30 -30.24 1.24 9.93
N SER A 31 -29.82 2.45 10.29
CA SER A 31 -30.31 3.67 9.66
C SER A 31 -29.37 4.83 9.91
N VAL A 32 -29.64 5.95 9.25
CA VAL A 32 -28.78 7.13 9.32
C VAL A 32 -29.05 7.88 10.62
N PRO A 33 -27.98 8.16 11.38
CA PRO A 33 -28.04 8.96 12.58
C PRO A 33 -28.67 10.31 12.34
N HIS A 34 -29.76 10.59 13.03
CA HIS A 34 -30.25 11.94 13.15
C HIS A 34 -29.45 12.56 14.31
N PHE A 35 -28.47 13.38 14.00
CA PHE A 35 -27.60 13.92 15.03
C PHE A 35 -28.39 14.90 15.88
N SER A 36 -27.80 15.33 16.99
CA SER A 36 -28.46 16.28 17.88
C SER A 36 -28.68 17.65 17.22
N ALA A 37 -29.50 18.48 17.85
CA ALA A 37 -29.66 19.90 17.46
C ALA A 37 -28.46 20.73 17.87
N ALA A 38 -27.78 20.31 18.94
CA ALA A 38 -26.58 20.99 19.38
C ALA A 38 -25.49 20.92 18.30
N ALA A 39 -25.53 19.87 17.49
CA ALA A 39 -24.44 19.57 16.54
C ALA A 39 -24.25 20.63 15.46
N PRO A 40 -22.98 20.95 15.17
CA PRO A 40 -22.66 21.91 14.12
C PRO A 40 -22.86 21.32 12.71
N ARG A 41 -24.13 21.14 12.32
CA ARG A 41 -24.46 20.46 11.05
C ARG A 41 -23.96 21.25 9.84
N ASP A 42 -23.87 22.56 9.98
CA ASP A 42 -23.30 23.42 8.95
C ASP A 42 -21.84 23.10 8.70
N ASN A 43 -21.15 22.50 9.67
CA ASN A 43 -19.72 22.18 9.49
C ASN A 43 -19.52 20.91 8.66
N VAL A 44 -20.57 20.11 8.47
CA VAL A 44 -20.43 18.79 7.80
C VAL A 44 -20.45 18.84 6.26
N THR A 45 -19.27 18.75 5.65
CA THR A 45 -19.17 18.84 4.18
C THR A 45 -19.01 17.47 3.52
N SER A 46 -18.97 16.42 4.32
CA SER A 46 -18.82 15.09 3.80
C SER A 46 -19.23 14.02 4.86
N LEU A 47 -20.09 13.08 4.45
CA LEU A 47 -20.67 12.09 5.35
C LEU A 47 -20.33 10.74 4.80
N SER A 48 -19.81 9.87 5.67
CA SER A 48 -19.34 8.56 5.24
C SER A 48 -19.95 7.48 6.10
N LEU A 49 -20.76 6.64 5.46
CA LEU A 49 -21.50 5.58 6.10
C LEU A 49 -21.15 4.20 5.50
N LEU A 50 -19.86 4.01 5.24
CA LEU A 50 -19.38 2.82 4.58
C LEU A 50 -19.63 1.55 5.39
N SER A 51 -20.16 0.53 4.72
CA SER A 51 -20.35 -0.82 5.28
C SER A 51 -21.12 -0.85 6.58
N ASN A 52 -22.10 0.02 6.72
CA ASN A 52 -23.13 -0.22 7.73
C ASN A 52 -24.19 -1.12 7.09
N ARG A 53 -25.31 -1.28 7.76
CA ARG A 53 -26.38 -2.17 7.30
C ARG A 53 -27.70 -1.42 7.17
N ILE A 54 -27.57 -0.23 6.57
CA ILE A 54 -28.70 0.65 6.32
C ILE A 54 -29.37 0.20 5.05
N HIS A 55 -30.63 -0.27 5.18
CA HIS A 55 -31.42 -0.76 4.05
C HIS A 55 -32.65 0.09 3.78
N HIS A 56 -32.77 1.22 4.48
CA HIS A 56 -33.88 2.15 4.24
C HIS A 56 -33.41 3.60 4.34
N LEU A 57 -33.68 4.38 3.30
CA LEU A 57 -33.30 5.80 3.28
C LEU A 57 -34.52 6.70 3.20
N HIS A 58 -34.46 7.79 3.98
CA HIS A 58 -35.59 8.70 4.19
C HIS A 58 -35.26 10.13 3.83
N ASP A 59 -36.32 10.90 3.56
CA ASP A 59 -36.20 12.32 3.17
C ASP A 59 -35.57 13.15 4.26
N SER A 60 -35.81 12.74 5.48
CA SER A 60 -35.35 13.46 6.65
C SER A 60 -33.89 13.15 7.04
N ASP A 61 -33.27 12.16 6.38
CA ASP A 61 -31.94 11.69 6.78
C ASP A 61 -30.83 12.75 6.69
N PHE A 62 -30.61 13.30 5.50
CA PHE A 62 -29.57 14.32 5.30
C PHE A 62 -30.14 15.69 5.07
N ALA A 63 -31.39 15.89 5.47
CA ALA A 63 -32.14 17.10 5.15
C ALA A 63 -31.62 18.34 5.88
N GLN A 64 -30.94 18.16 7.01
CA GLN A 64 -30.41 19.29 7.77
C GLN A 64 -28.91 19.48 7.65
N LEU A 65 -28.28 18.90 6.63
CA LEU A 65 -26.86 19.09 6.42
C LEU A 65 -26.65 20.08 5.28
N SER A 66 -26.91 21.36 5.59
CA SER A 66 -26.86 22.50 4.67
C SER A 66 -25.68 22.63 3.73
N ASN A 67 -24.50 22.19 4.15
CA ASN A 67 -23.29 22.32 3.31
C ASN A 67 -22.66 20.99 2.85
N LEU A 68 -23.48 19.93 2.87
CA LEU A 68 -23.01 18.59 2.55
C LEU A 68 -22.78 18.44 1.04
N GLN A 69 -21.63 17.86 0.72
CA GLN A 69 -21.15 17.75 -0.65
C GLN A 69 -20.67 16.36 -1.05
N LYS A 70 -20.38 15.49 -0.07
CA LYS A 70 -19.93 14.16 -0.34
C LYS A 70 -20.68 13.17 0.54
N LEU A 71 -21.27 12.16 -0.11
CA LEU A 71 -22.05 11.14 0.60
C LEU A 71 -21.72 9.71 0.13
N ASN A 72 -21.29 8.89 1.09
CA ASN A 72 -20.80 7.55 0.80
C ASN A 72 -21.64 6.53 1.59
N LEU A 73 -22.46 5.77 0.86
CA LEU A 73 -23.37 4.79 1.44
C LEU A 73 -23.05 3.40 0.95
N LYS A 74 -21.81 3.19 0.52
CA LYS A 74 -21.43 1.92 -0.12
C LYS A 74 -21.43 0.73 0.84
N TRP A 75 -21.86 -0.43 0.32
CA TRP A 75 -21.91 -1.72 1.05
C TRP A 75 -22.95 -1.77 2.14
N ASN A 76 -24.00 -0.98 2.01
CA ASN A 76 -25.02 -0.99 3.02
C ASN A 76 -26.07 -2.05 2.84
N CYS A 77 -26.22 -2.57 1.62
CA CYS A 77 -27.30 -3.50 1.28
C CYS A 77 -26.83 -4.36 0.08
N PRO A 78 -25.72 -5.11 0.29
CA PRO A 78 -25.12 -5.90 -0.80
C PRO A 78 -26.11 -6.83 -1.48
N PRO A 79 -26.16 -6.78 -2.80
CA PRO A 79 -26.97 -7.75 -3.53
C PRO A 79 -26.62 -9.17 -3.16
N ALA A 80 -27.58 -10.07 -3.30
CA ALA A 80 -27.41 -11.49 -2.97
C ALA A 80 -26.05 -12.02 -3.36
N GLY A 81 -25.68 -11.91 -4.63
CA GLY A 81 -24.41 -12.45 -5.11
C GLY A 81 -23.18 -12.03 -4.30
N LEU A 82 -23.18 -10.79 -3.81
CA LEU A 82 -21.99 -10.20 -3.18
C LEU A 82 -22.00 -10.35 -1.68
N SER A 83 -23.11 -10.81 -1.14
CA SER A 83 -23.17 -11.11 0.28
C SER A 83 -22.47 -12.43 0.49
N PRO A 84 -21.48 -12.46 1.40
CA PRO A 84 -20.95 -13.75 1.84
C PRO A 84 -22.05 -14.82 1.95
N MET A 85 -23.05 -14.60 2.80
CA MET A 85 -24.09 -15.60 3.06
C MET A 85 -25.31 -15.50 2.12
N HIS A 86 -25.15 -14.80 0.99
CA HIS A 86 -26.21 -14.67 -0.04
C HIS A 86 -27.53 -14.08 0.46
N PHE A 87 -27.45 -13.25 1.50
CA PHE A 87 -28.61 -12.56 2.01
C PHE A 87 -29.09 -11.61 0.95
N PRO A 88 -30.37 -11.71 0.59
CA PRO A 88 -30.92 -10.73 -0.33
C PRO A 88 -31.10 -9.42 0.41
N CYS A 89 -31.03 -8.31 -0.29
CA CYS A 89 -31.19 -7.01 0.31
C CYS A 89 -31.67 -6.11 -0.78
N HIS A 90 -32.72 -5.36 -0.52
CA HIS A 90 -33.18 -4.35 -1.45
C HIS A 90 -33.36 -3.03 -0.70
N MET A 91 -32.61 -2.02 -1.12
CA MET A 91 -32.61 -0.73 -0.46
C MET A 91 -33.80 0.08 -0.97
N THR A 92 -34.70 0.41 -0.06
CA THR A 92 -35.75 1.38 -0.30
C THR A 92 -35.17 2.76 -0.07
N ILE A 93 -35.39 3.67 -1.01
CA ILE A 93 -35.00 5.06 -0.84
C ILE A 93 -36.21 5.96 -1.04
N GLU A 94 -36.55 6.76 -0.03
CA GLU A 94 -37.64 7.70 -0.23
C GLU A 94 -37.26 8.71 -1.33
N PRO A 95 -38.26 9.25 -2.04
CA PRO A 95 -37.99 9.91 -3.31
C PRO A 95 -37.30 11.26 -3.24
N ASN A 96 -37.45 11.99 -2.13
CA ASN A 96 -36.73 13.24 -1.96
C ASN A 96 -35.49 13.10 -1.09
N THR A 97 -35.08 11.85 -0.85
CA THR A 97 -33.91 11.54 -0.02
C THR A 97 -32.66 12.31 -0.40
N PHE A 98 -32.43 12.44 -1.70
CA PHE A 98 -31.27 13.17 -2.20
C PHE A 98 -31.58 14.63 -2.63
N LEU A 99 -32.80 14.92 -3.05
CA LEU A 99 -33.13 16.29 -3.44
C LEU A 99 -33.04 17.21 -2.25
N ALA A 100 -33.25 16.63 -1.07
CA ALA A 100 -33.16 17.35 0.19
C ALA A 100 -31.74 17.82 0.51
N VAL A 101 -30.79 17.45 -0.34
CA VAL A 101 -29.41 17.79 -0.16
C VAL A 101 -28.98 18.55 -1.41
N PRO A 102 -29.44 19.81 -1.57
CA PRO A 102 -29.22 20.59 -2.80
C PRO A 102 -27.80 21.01 -3.08
N THR A 103 -26.90 20.74 -2.12
CA THR A 103 -25.47 21.10 -2.24
C THR A 103 -24.64 19.86 -2.60
N LEU A 104 -25.29 18.72 -2.76
CA LEU A 104 -24.57 17.47 -2.93
C LEU A 104 -23.83 17.45 -4.24
N GLU A 105 -22.54 17.10 -4.20
CA GLU A 105 -21.67 17.03 -5.38
C GLU A 105 -21.22 15.63 -5.76
N GLU A 106 -21.01 14.76 -4.77
CA GLU A 106 -20.54 13.40 -5.04
C GLU A 106 -21.30 12.39 -4.24
N LEU A 107 -21.60 11.27 -4.85
CA LEU A 107 -22.43 10.25 -4.23
C LEU A 107 -21.98 8.88 -4.69
N ASN A 108 -21.72 8.01 -3.71
CA ASN A 108 -21.37 6.59 -3.92
C ASN A 108 -22.54 5.75 -3.42
N LEU A 109 -23.21 5.04 -4.34
CA LEU A 109 -24.31 4.14 -3.96
C LEU A 109 -23.95 2.68 -4.16
N SER A 110 -22.65 2.37 -4.24
CA SER A 110 -22.21 1.08 -4.75
C SER A 110 -22.41 -0.08 -3.78
N TYR A 111 -22.47 -1.31 -4.31
CA TYR A 111 -22.72 -2.51 -3.49
C TYR A 111 -24.01 -2.40 -2.64
N ASN A 112 -25.07 -1.87 -3.26
CA ASN A 112 -26.41 -1.72 -2.67
C ASN A 112 -27.52 -2.23 -3.61
N GLY A 113 -28.63 -2.67 -3.04
CA GLY A 113 -29.71 -3.27 -3.83
C GLY A 113 -30.74 -2.28 -4.34
N ILE A 114 -30.39 -1.57 -5.40
CA ILE A 114 -31.33 -0.65 -6.04
C ILE A 114 -31.47 -1.05 -7.52
N THR A 115 -32.71 -1.01 -8.01
CA THR A 115 -33.00 -1.41 -9.39
C THR A 115 -33.30 -0.22 -10.28
N THR A 116 -33.37 0.97 -9.69
CA THR A 116 -33.50 2.22 -10.46
C THR A 116 -32.77 3.39 -9.79
N VAL A 117 -32.38 4.36 -10.61
CA VAL A 117 -31.67 5.54 -10.13
C VAL A 117 -32.65 6.42 -9.33
N PRO A 118 -32.20 7.01 -8.22
CA PRO A 118 -33.15 7.88 -7.53
C PRO A 118 -33.20 9.23 -8.20
N ALA A 119 -34.22 10.01 -7.88
CA ALA A 119 -34.19 11.44 -8.16
C ALA A 119 -32.99 12.11 -7.43
N LEU A 120 -32.12 12.73 -8.23
CA LEU A 120 -30.89 13.38 -7.74
C LEU A 120 -30.83 14.88 -8.12
N PRO A 121 -30.14 15.71 -7.31
CA PRO A 121 -30.13 17.16 -7.60
C PRO A 121 -29.12 17.53 -8.67
N SER A 122 -29.35 18.63 -9.37
CA SER A 122 -28.53 19.04 -10.52
C SER A 122 -27.14 19.57 -10.16
N SER A 123 -26.84 19.69 -8.87
CA SER A 123 -25.48 20.00 -8.38
C SER A 123 -24.57 18.79 -8.39
N LEU A 124 -25.10 17.63 -8.77
CA LEU A 124 -24.30 16.42 -8.73
C LEU A 124 -23.31 16.44 -9.91
N VAL A 125 -22.10 15.99 -9.57
CA VAL A 125 -20.89 16.07 -10.38
C VAL A 125 -20.25 14.71 -10.53
N SER A 126 -20.37 13.88 -9.49
CA SER A 126 -19.85 12.53 -9.55
C SER A 126 -20.82 11.54 -8.94
N LEU A 127 -21.12 10.47 -9.68
CA LEU A 127 -22.14 9.50 -9.26
C LEU A 127 -21.63 8.10 -9.50
N ILE A 128 -21.50 7.32 -8.43
CA ILE A 128 -21.07 5.91 -8.50
C ILE A 128 -22.25 4.99 -8.18
N LEU A 129 -22.53 4.05 -9.09
CA LEU A 129 -23.62 3.08 -8.93
C LEU A 129 -23.12 1.63 -9.15
N SER A 130 -21.83 1.41 -8.96
CA SER A 130 -21.25 0.09 -9.22
C SER A 130 -21.83 -1.00 -8.31
N ARG A 131 -21.94 -2.23 -8.84
CA ARG A 131 -22.48 -3.38 -8.09
C ARG A 131 -23.85 -3.11 -7.42
N THR A 132 -24.70 -2.34 -8.10
CA THR A 132 -26.11 -2.25 -7.74
C THR A 132 -26.86 -3.10 -8.75
N ASN A 133 -28.19 -3.19 -8.68
CA ASN A 133 -28.95 -3.98 -9.67
C ASN A 133 -29.68 -3.16 -10.73
N ILE A 134 -29.09 -2.05 -11.19
CA ILE A 134 -29.72 -1.26 -12.24
C ILE A 134 -29.36 -1.84 -13.60
N LEU A 135 -30.35 -2.33 -14.34
CA LEU A 135 -30.10 -3.02 -15.61
C LEU A 135 -30.58 -2.21 -16.79
N GLN A 136 -30.97 -0.97 -16.53
CA GLN A 136 -31.54 -0.13 -17.56
C GLN A 136 -31.04 1.30 -17.39
N LEU A 137 -30.48 1.90 -18.43
CA LEU A 137 -30.15 3.35 -18.40
C LEU A 137 -30.65 4.01 -19.67
N ASP A 138 -31.59 4.94 -19.55
CA ASP A 138 -32.18 5.58 -20.70
C ASP A 138 -32.28 7.06 -20.35
N PRO A 139 -32.87 7.88 -21.24
CA PRO A 139 -32.79 9.34 -21.01
C PRO A 139 -33.51 9.87 -19.79
N THR A 140 -34.30 9.01 -19.15
CA THR A 140 -35.00 9.41 -17.94
C THR A 140 -34.21 9.20 -16.65
N SER A 141 -33.19 8.33 -16.69
CA SER A 141 -32.45 7.91 -15.48
C SER A 141 -31.70 9.09 -14.82
N LEU A 142 -30.98 9.87 -15.63
CA LEU A 142 -30.10 10.95 -15.15
C LEU A 142 -30.42 12.30 -15.75
N THR A 143 -31.70 12.49 -16.09
CA THR A 143 -32.20 13.72 -16.70
C THR A 143 -31.83 14.97 -15.87
N GLY A 144 -31.17 15.91 -16.52
CA GLY A 144 -30.89 17.19 -15.90
C GLY A 144 -29.69 17.23 -14.98
N LEU A 145 -28.88 16.19 -14.98
CA LEU A 145 -27.61 16.25 -14.24
C LEU A 145 -26.53 16.94 -15.10
N HIS A 146 -26.76 18.24 -15.31
CA HIS A 146 -25.96 19.06 -16.21
C HIS A 146 -24.55 19.26 -15.68
N ALA A 147 -24.36 19.20 -14.35
CA ALA A 147 -23.02 19.34 -13.77
C ALA A 147 -22.26 18.00 -13.63
N LEU A 148 -22.88 16.89 -14.03
CA LEU A 148 -22.32 15.57 -13.80
C LEU A 148 -21.16 15.24 -14.76
N ARG A 149 -19.97 15.06 -14.20
CA ARG A 149 -18.77 14.78 -14.98
C ARG A 149 -18.31 13.31 -14.88
N PHE A 150 -18.67 12.64 -13.80
CA PHE A 150 -18.22 11.26 -13.52
C PHE A 150 -19.38 10.33 -13.27
N LEU A 151 -19.56 9.35 -14.15
CA LEU A 151 -20.52 8.27 -13.95
C LEU A 151 -19.77 6.93 -13.98
N TYR A 152 -19.84 6.18 -12.90
CA TYR A 152 -19.26 4.84 -12.85
C TYR A 152 -20.32 3.80 -12.46
N MET A 153 -20.58 2.88 -13.38
CA MET A 153 -21.51 1.78 -13.13
C MET A 153 -20.90 0.45 -13.58
N ASP A 154 -19.91 -0.01 -12.83
CA ASP A 154 -19.29 -1.29 -13.12
C ASP A 154 -19.99 -2.35 -12.31
N GLY A 155 -20.01 -3.57 -12.81
CA GLY A 155 -20.38 -4.73 -11.98
C GLY A 155 -21.85 -5.00 -11.79
N ASN A 156 -22.70 -4.51 -12.69
CA ASN A 156 -24.15 -4.72 -12.56
C ASN A 156 -24.69 -5.98 -13.22
N CYS A 157 -23.80 -6.81 -13.78
CA CYS A 157 -24.21 -8.07 -14.38
C CYS A 157 -22.99 -8.88 -14.83
N TYR A 158 -22.58 -9.79 -13.94
CA TYR A 158 -21.45 -10.69 -14.11
C TYR A 158 -21.52 -11.80 -13.05
N TYR A 159 -20.50 -12.63 -12.87
CA TYR A 159 -20.66 -13.84 -12.02
C TYR A 159 -21.08 -13.49 -10.59
N LYS A 160 -20.34 -12.64 -9.90
CA LYS A 160 -20.66 -12.28 -8.50
C LYS A 160 -21.98 -11.54 -8.32
N ASN A 161 -22.71 -11.24 -9.40
CA ASN A 161 -23.92 -10.43 -9.32
C ASN A 161 -24.64 -10.45 -10.67
N PRO A 162 -25.18 -11.62 -11.04
CA PRO A 162 -25.70 -11.92 -12.37
C PRO A 162 -27.07 -11.33 -12.63
N CYS A 163 -27.54 -11.37 -13.88
CA CYS A 163 -28.84 -10.78 -14.19
C CYS A 163 -29.61 -11.44 -15.35
N GLY A 164 -29.05 -12.47 -15.97
CA GLY A 164 -29.74 -13.23 -17.00
C GLY A 164 -29.79 -12.58 -18.37
N ARG A 165 -29.30 -11.35 -18.50
CA ARG A 165 -29.22 -10.69 -19.81
C ARG A 165 -28.20 -9.54 -19.82
N ALA A 166 -28.20 -8.72 -20.87
CA ALA A 166 -27.30 -7.55 -20.96
C ALA A 166 -27.89 -6.29 -20.36
N LEU A 167 -27.02 -5.52 -19.70
CA LEU A 167 -27.36 -4.19 -19.25
C LEU A 167 -27.83 -3.46 -20.49
N GLU A 168 -29.01 -2.84 -20.40
CA GLU A 168 -29.56 -2.04 -21.51
C GLU A 168 -29.16 -0.60 -21.35
N VAL A 169 -28.47 -0.09 -22.35
CA VAL A 169 -28.22 1.32 -22.46
C VAL A 169 -28.82 1.76 -23.78
N ALA A 170 -29.97 2.40 -23.71
CA ALA A 170 -30.68 2.77 -24.93
C ALA A 170 -29.84 3.73 -25.77
N PRO A 171 -30.01 3.70 -27.10
CA PRO A 171 -29.29 4.70 -27.87
C PRO A 171 -29.50 6.06 -27.25
N GLY A 172 -28.47 6.89 -27.31
CA GLY A 172 -28.54 8.26 -26.81
C GLY A 172 -29.17 8.39 -25.43
N ALA A 173 -28.98 7.42 -24.56
CA ALA A 173 -29.52 7.53 -23.22
C ALA A 173 -28.91 8.69 -22.48
N LEU A 174 -27.60 8.86 -22.67
CA LEU A 174 -26.83 9.77 -21.86
C LEU A 174 -26.53 11.07 -22.58
N LEU A 175 -27.05 11.25 -23.80
CA LEU A 175 -26.80 12.51 -24.52
C LEU A 175 -27.01 13.73 -23.65
N GLY A 176 -28.00 13.67 -22.77
CA GLY A 176 -28.35 14.79 -21.88
C GLY A 176 -27.23 15.31 -20.98
N LEU A 177 -26.23 14.49 -20.69
CA LEU A 177 -25.18 14.85 -19.76
C LEU A 177 -24.06 15.61 -20.48
N GLY A 178 -24.33 16.85 -20.86
CA GLY A 178 -23.41 17.60 -21.68
C GLY A 178 -22.06 17.90 -21.08
N ASN A 179 -21.87 17.61 -19.81
CA ASN A 179 -20.58 17.84 -19.15
C ASN A 179 -19.88 16.53 -18.75
N LEU A 180 -20.54 15.40 -18.98
CA LEU A 180 -19.96 14.10 -18.65
C LEU A 180 -18.67 13.90 -19.44
N THR A 181 -17.58 13.64 -18.70
CA THR A 181 -16.27 13.36 -19.28
C THR A 181 -15.74 11.97 -18.96
N HIS A 182 -16.25 11.34 -17.90
CA HIS A 182 -15.76 10.02 -17.42
C HIS A 182 -16.89 9.00 -17.33
N LEU A 183 -16.73 7.85 -17.95
CA LEU A 183 -17.79 6.84 -17.92
C LEU A 183 -17.21 5.45 -17.78
N SER A 184 -17.67 4.71 -16.76
CA SER A 184 -17.25 3.34 -16.59
C SER A 184 -18.43 2.40 -16.60
N LEU A 185 -18.39 1.42 -17.50
CA LEU A 185 -19.45 0.43 -17.64
C LEU A 185 -18.90 -0.99 -17.78
N LYS A 186 -17.90 -1.35 -16.97
CA LYS A 186 -17.33 -2.70 -17.03
C LYS A 186 -18.29 -3.69 -16.42
N TYR A 187 -17.98 -4.97 -16.59
CA TYR A 187 -18.69 -6.07 -15.91
C TYR A 187 -20.21 -5.88 -15.92
N ASN A 188 -20.76 -5.77 -17.13
CA ASN A 188 -22.17 -5.51 -17.35
C ASN A 188 -22.77 -6.36 -18.48
N ASN A 189 -21.97 -7.24 -19.07
CA ASN A 189 -22.46 -8.23 -20.01
C ASN A 189 -22.98 -7.61 -21.30
N LEU A 190 -22.32 -6.56 -21.76
CA LEU A 190 -22.66 -5.93 -23.02
C LEU A 190 -21.98 -6.66 -24.21
N THR A 191 -22.71 -6.81 -25.31
CA THR A 191 -22.09 -7.34 -26.54
C THR A 191 -21.79 -6.26 -27.56
N THR A 192 -22.38 -5.07 -27.40
CA THR A 192 -22.10 -3.93 -28.27
C THR A 192 -21.86 -2.67 -27.46
N VAL A 193 -21.11 -1.72 -28.03
CA VAL A 193 -20.84 -0.42 -27.38
C VAL A 193 -22.09 0.39 -27.54
N PRO A 194 -22.64 0.97 -26.43
CA PRO A 194 -23.89 1.75 -26.57
C PRO A 194 -23.84 2.76 -27.73
N ARG A 195 -24.94 3.43 -28.05
CA ARG A 195 -25.02 4.20 -29.30
C ARG A 195 -25.15 5.68 -29.09
N SER A 196 -24.22 6.45 -29.62
CA SER A 196 -24.16 7.89 -29.39
C SER A 196 -23.97 8.30 -27.90
N LEU A 197 -22.86 7.90 -27.30
CA LEU A 197 -22.48 8.44 -25.97
C LEU A 197 -22.09 9.93 -26.07
N PRO A 198 -22.22 10.68 -24.96
CA PRO A 198 -21.87 12.10 -24.99
C PRO A 198 -20.49 12.35 -25.60
N PRO A 199 -20.44 13.17 -26.67
CA PRO A 199 -19.15 13.47 -27.29
C PRO A 199 -18.23 14.32 -26.41
N SER A 200 -18.76 14.83 -25.30
CA SER A 200 -17.92 15.39 -24.24
C SER A 200 -16.92 14.40 -23.65
N LEU A 201 -17.23 13.11 -23.69
CA LEU A 201 -16.42 12.08 -23.01
C LEU A 201 -14.95 12.13 -23.31
N GLU A 202 -14.18 11.84 -22.26
CA GLU A 202 -12.72 11.88 -22.28
C GLU A 202 -12.16 10.54 -21.79
N TYR A 203 -12.81 9.91 -20.80
CA TYR A 203 -12.46 8.55 -20.33
C TYR A 203 -13.68 7.66 -20.41
N LEU A 204 -13.64 6.71 -21.34
CA LEU A 204 -14.65 5.65 -21.47
C LEU A 204 -13.99 4.29 -21.13
N LEU A 205 -14.48 3.59 -20.13
CA LEU A 205 -13.93 2.27 -19.83
C LEU A 205 -15.02 1.25 -20.07
N LEU A 206 -14.89 0.43 -21.11
CA LEU A 206 -15.89 -0.64 -21.40
C LEU A 206 -15.28 -2.04 -21.28
N SER A 207 -14.30 -2.21 -20.40
CA SER A 207 -13.56 -3.45 -20.33
C SER A 207 -14.39 -4.54 -19.67
N TYR A 208 -13.93 -5.77 -19.75
CA TYR A 208 -14.63 -6.92 -19.12
C TYR A 208 -16.12 -7.03 -19.40
N ASN A 209 -16.55 -6.77 -20.62
CA ASN A 209 -17.90 -7.13 -21.06
C ASN A 209 -17.83 -8.38 -21.98
N HIS A 210 -18.54 -8.36 -23.10
CA HIS A 210 -18.41 -9.42 -24.08
C HIS A 210 -18.45 -8.83 -25.45
N ILE A 211 -17.81 -7.67 -25.59
CA ILE A 211 -17.76 -6.99 -26.87
C ILE A 211 -16.57 -7.52 -27.69
N VAL A 212 -16.89 -8.52 -28.51
CA VAL A 212 -15.91 -9.24 -29.33
C VAL A 212 -15.62 -8.65 -30.72
N THR A 213 -16.41 -7.64 -31.13
CA THR A 213 -16.29 -6.98 -32.44
C THR A 213 -16.34 -5.45 -32.27
N LEU A 214 -15.35 -4.74 -32.83
CA LEU A 214 -15.33 -3.25 -32.81
C LEU A 214 -14.93 -2.62 -34.15
N ALA A 215 -15.51 -1.46 -34.42
CA ALA A 215 -15.32 -0.72 -35.67
C ALA A 215 -15.64 0.77 -35.48
N PRO A 216 -15.15 1.63 -36.40
CA PRO A 216 -15.26 3.07 -36.20
C PRO A 216 -16.66 3.54 -35.81
N GLU A 217 -17.67 2.89 -36.38
CA GLU A 217 -19.06 3.20 -36.07
C GLU A 217 -19.27 3.22 -34.55
N ASP A 218 -18.63 2.30 -33.84
CA ASP A 218 -18.79 2.17 -32.40
C ASP A 218 -18.26 3.37 -31.61
N LEU A 219 -17.32 4.11 -32.17
CA LEU A 219 -16.75 5.27 -31.48
C LEU A 219 -17.12 6.57 -32.18
N ALA A 220 -18.27 6.57 -32.85
CA ALA A 220 -18.69 7.70 -33.64
C ALA A 220 -18.84 8.94 -32.75
N ASN A 221 -18.29 10.06 -33.21
CA ASN A 221 -18.42 11.35 -32.52
C ASN A 221 -17.70 11.43 -31.17
N LEU A 222 -16.89 10.42 -30.84
CA LEU A 222 -16.21 10.37 -29.56
C LEU A 222 -14.80 10.86 -29.75
N THR A 223 -14.67 12.08 -30.23
CA THR A 223 -13.35 12.56 -30.61
C THR A 223 -12.53 13.23 -29.50
N ALA A 224 -13.16 13.44 -28.35
CA ALA A 224 -12.46 13.99 -27.20
C ALA A 224 -11.82 12.88 -26.34
N LEU A 225 -12.02 11.61 -26.70
CA LEU A 225 -11.46 10.53 -25.88
C LEU A 225 -10.02 10.77 -25.67
N ARG A 226 -9.60 10.75 -24.41
CA ARG A 226 -8.21 10.74 -24.06
C ARG A 226 -7.76 9.38 -23.55
N VAL A 227 -8.68 8.63 -22.92
CA VAL A 227 -8.41 7.25 -22.49
C VAL A 227 -9.52 6.30 -22.85
N LEU A 228 -9.19 5.13 -23.40
CA LEU A 228 -10.20 4.11 -23.80
C LEU A 228 -9.73 2.71 -23.39
N ASP A 229 -10.53 2.02 -22.58
CA ASP A 229 -10.17 0.69 -22.13
C ASP A 229 -11.26 -0.29 -22.59
N VAL A 230 -10.91 -1.17 -23.53
CA VAL A 230 -11.86 -2.14 -24.04
C VAL A 230 -11.31 -3.52 -23.81
N GLY A 231 -10.36 -3.64 -22.89
CA GLY A 231 -9.71 -4.92 -22.66
C GLY A 231 -10.59 -5.89 -21.94
N GLY A 232 -10.21 -7.16 -21.95
CA GLY A 232 -10.96 -8.19 -21.22
C GLY A 232 -12.25 -8.67 -21.88
N ASN A 233 -12.52 -8.21 -23.09
CA ASN A 233 -13.82 -8.49 -23.69
C ASN A 233 -13.88 -9.87 -24.37
N CYS A 234 -12.74 -10.39 -24.81
CA CYS A 234 -12.71 -11.81 -25.14
C CYS A 234 -11.37 -12.39 -24.69
N ARG A 235 -11.48 -13.13 -23.59
CA ARG A 235 -10.37 -13.44 -22.71
C ARG A 235 -9.77 -14.79 -23.02
N ARG A 236 -8.52 -14.95 -22.57
CA ARG A 236 -7.92 -16.26 -22.35
C ARG A 236 -8.19 -16.56 -20.87
N CYS A 237 -8.69 -17.78 -20.58
CA CYS A 237 -9.15 -18.16 -19.23
C CYS A 237 -8.38 -19.35 -18.63
N ASP A 238 -7.17 -19.58 -19.11
CA ASP A 238 -6.36 -20.72 -18.65
C ASP A 238 -5.58 -20.45 -17.33
N HIS A 239 -5.59 -19.19 -16.86
CA HIS A 239 -4.93 -18.83 -15.60
C HIS A 239 -5.76 -17.84 -14.76
N ALA A 240 -7.05 -18.15 -14.63
CA ALA A 240 -7.92 -17.57 -13.61
C ALA A 240 -8.69 -18.73 -12.98
N ARG A 241 -8.99 -18.80 -11.68
CA ARG A 241 -9.03 -17.77 -10.59
C ARG A 241 -10.50 -17.50 -10.19
N ASN A 242 -11.30 -17.09 -11.18
CA ASN A 242 -12.75 -16.98 -11.05
C ASN A 242 -13.39 -17.44 -12.38
N PRO A 243 -14.72 -17.39 -12.50
CA PRO A 243 -15.28 -17.81 -13.79
C PRO A 243 -14.82 -16.92 -14.95
N CYS A 244 -15.01 -17.40 -16.17
CA CYS A 244 -14.38 -16.79 -17.33
C CYS A 244 -14.80 -17.42 -18.66
N VAL A 245 -15.44 -16.65 -19.53
CA VAL A 245 -15.84 -17.17 -20.83
C VAL A 245 -14.65 -17.06 -21.75
N GLU A 246 -14.17 -18.17 -22.30
CA GLU A 246 -13.09 -18.14 -23.26
C GLU A 246 -13.56 -17.44 -24.56
N CYS A 247 -12.73 -16.53 -25.06
CA CYS A 247 -12.96 -15.89 -26.33
C CYS A 247 -13.11 -16.99 -27.36
N PRO A 248 -14.23 -17.00 -28.12
CA PRO A 248 -14.48 -18.06 -29.10
C PRO A 248 -13.58 -17.95 -30.34
N HIS A 249 -13.47 -19.04 -31.10
CA HIS A 249 -12.39 -19.19 -32.10
C HIS A 249 -12.03 -17.93 -32.87
N LYS A 250 -12.78 -17.58 -33.92
CA LYS A 250 -12.33 -16.52 -34.85
C LYS A 250 -12.56 -15.08 -34.34
N PHE A 251 -12.29 -14.86 -33.05
CA PHE A 251 -12.47 -13.56 -32.42
C PHE A 251 -11.24 -13.21 -31.60
N PRO A 252 -11.03 -11.93 -31.27
CA PRO A 252 -11.85 -10.74 -31.49
C PRO A 252 -11.82 -10.28 -32.93
N GLN A 253 -12.48 -9.16 -33.23
CA GLN A 253 -12.36 -8.53 -34.55
C GLN A 253 -12.30 -7.00 -34.45
N LEU A 254 -11.10 -6.45 -34.30
CA LEU A 254 -10.93 -5.00 -34.36
C LEU A 254 -10.62 -4.54 -35.78
N HIS A 255 -11.56 -3.84 -36.40
CA HIS A 255 -11.35 -3.36 -37.76
C HIS A 255 -10.18 -2.39 -37.72
N SER A 256 -9.39 -2.38 -38.78
CA SER A 256 -8.08 -1.78 -38.75
C SER A 256 -8.10 -0.27 -38.39
N ASP A 257 -9.20 0.41 -38.69
CA ASP A 257 -9.28 1.86 -38.45
C ASP A 257 -10.37 2.21 -37.41
N THR A 258 -10.58 1.28 -36.51
CA THR A 258 -11.50 1.42 -35.41
C THR A 258 -11.27 2.67 -34.58
N PHE A 259 -9.99 2.95 -34.30
CA PHE A 259 -9.58 4.03 -33.39
C PHE A 259 -9.01 5.22 -34.16
N SER A 260 -9.14 5.19 -35.49
CA SER A 260 -8.46 6.15 -36.37
C SER A 260 -8.79 7.62 -36.12
N HIS A 261 -9.97 7.90 -35.58
CA HIS A 261 -10.44 9.29 -35.51
C HIS A 261 -10.26 9.91 -34.13
N LEU A 262 -9.59 9.20 -33.23
CA LEU A 262 -9.35 9.64 -31.85
C LEU A 262 -8.01 10.35 -31.72
N SER A 263 -7.86 11.49 -32.40
CA SER A 263 -6.57 12.19 -32.49
C SER A 263 -5.97 12.62 -31.14
N ARG A 264 -6.82 12.74 -30.13
CA ARG A 264 -6.46 13.32 -28.86
C ARG A 264 -6.13 12.22 -27.86
N LEU A 265 -6.25 10.97 -28.30
CA LEU A 265 -6.20 9.81 -27.40
C LEU A 265 -4.83 9.59 -26.79
N GLU A 266 -4.76 9.55 -25.46
CA GLU A 266 -3.48 9.38 -24.75
C GLU A 266 -3.25 7.98 -24.22
N GLY A 267 -4.34 7.28 -23.87
CA GLY A 267 -4.23 5.93 -23.34
C GLY A 267 -5.09 4.93 -24.09
N LEU A 268 -4.55 3.74 -24.34
CA LEU A 268 -5.31 2.69 -24.99
C LEU A 268 -5.04 1.38 -24.28
N VAL A 269 -6.06 0.74 -23.75
CA VAL A 269 -5.89 -0.57 -23.10
C VAL A 269 -6.57 -1.71 -23.90
N LEU A 270 -5.78 -2.68 -24.35
CA LEU A 270 -6.29 -3.91 -24.96
C LEU A 270 -5.70 -5.13 -24.25
N LYS A 271 -5.62 -5.09 -22.94
CA LYS A 271 -5.08 -6.23 -22.19
C LYS A 271 -6.08 -7.34 -22.18
N ASP A 272 -5.58 -8.56 -22.11
CA ASP A 272 -6.43 -9.76 -22.08
C ASP A 272 -7.51 -9.69 -23.15
N SER A 273 -7.08 -9.69 -24.41
CA SER A 273 -8.00 -9.65 -25.56
C SER A 273 -7.72 -10.73 -26.63
N SER A 274 -6.91 -11.73 -26.29
CA SER A 274 -6.71 -12.89 -27.16
C SER A 274 -6.16 -12.48 -28.51
N LEU A 275 -5.27 -11.48 -28.49
CA LEU A 275 -4.59 -11.04 -29.72
C LEU A 275 -3.34 -11.85 -30.10
N TYR A 276 -3.25 -12.22 -31.37
CA TYR A 276 -2.09 -12.96 -31.92
C TYR A 276 -1.24 -12.06 -32.80
N GLN A 277 -1.84 -10.95 -33.25
CA GLN A 277 -1.21 -10.03 -34.20
C GLN A 277 -1.56 -8.59 -33.90
N LEU A 278 -0.63 -7.68 -34.19
CA LEU A 278 -0.91 -6.26 -34.11
C LEU A 278 -1.13 -5.75 -35.51
N ASN A 279 -2.28 -5.14 -35.73
CA ASN A 279 -2.61 -4.46 -36.98
C ASN A 279 -2.24 -2.98 -36.89
N PRO A 280 -1.10 -2.59 -37.47
CA PRO A 280 -0.56 -1.23 -37.34
C PRO A 280 -1.51 -0.11 -37.73
N ARG A 281 -2.54 -0.42 -38.50
CA ARG A 281 -3.55 0.56 -38.86
C ARG A 281 -4.34 1.01 -37.65
N TRP A 282 -4.34 0.21 -36.59
CA TRP A 282 -5.02 0.55 -35.33
C TRP A 282 -4.38 1.77 -34.72
N PHE A 283 -3.05 1.83 -34.80
CA PHE A 283 -2.27 2.90 -34.13
C PHE A 283 -1.95 4.10 -35.02
N ARG A 284 -2.40 4.05 -36.27
CA ARG A 284 -2.26 5.20 -37.17
C ARG A 284 -3.26 6.28 -36.79
N GLY A 285 -2.81 7.52 -36.86
CA GLY A 285 -3.62 8.66 -36.46
C GLY A 285 -3.45 9.06 -35.01
N LEU A 286 -2.84 8.18 -34.22
CA LEU A 286 -2.78 8.36 -32.78
C LEU A 286 -1.51 9.11 -32.36
N GLY A 287 -1.54 10.43 -32.58
CA GLY A 287 -0.39 11.27 -32.34
C GLY A 287 -0.01 11.32 -30.87
N ASN A 288 -0.99 11.61 -30.03
CA ASN A 288 -0.76 11.88 -28.60
C ASN A 288 -0.74 10.62 -27.71
N LEU A 289 -0.64 9.42 -28.29
CA LEU A 289 -0.69 8.19 -27.46
C LEU A 289 0.51 8.09 -26.52
N THR A 290 0.24 8.08 -25.22
CA THR A 290 1.34 8.02 -24.26
C THR A 290 1.34 6.71 -23.52
N VAL A 291 0.20 6.02 -23.50
CA VAL A 291 0.14 4.75 -22.78
C VAL A 291 -0.61 3.68 -23.56
N LEU A 292 0.03 2.51 -23.70
CA LEU A 292 -0.55 1.40 -24.43
C LEU A 292 -0.37 0.13 -23.66
N ASP A 293 -1.47 -0.59 -23.41
CA ASP A 293 -1.44 -1.82 -22.61
C ASP A 293 -1.87 -3.06 -23.43
N LEU A 294 -0.88 -3.87 -23.75
CA LEU A 294 -1.05 -5.07 -24.57
C LEU A 294 -0.86 -6.32 -23.72
N SER A 295 -0.99 -6.20 -22.40
CA SER A 295 -0.65 -7.32 -21.53
C SER A 295 -1.66 -8.44 -21.70
N GLU A 296 -1.31 -9.63 -21.25
CA GLU A 296 -2.21 -10.78 -21.32
C GLU A 296 -2.80 -11.13 -22.71
N ASN A 297 -1.99 -11.03 -23.76
CA ASN A 297 -2.42 -11.52 -25.08
C ASN A 297 -1.52 -12.70 -25.54
N PHE A 298 -1.25 -12.82 -26.83
CA PHE A 298 -0.46 -13.92 -27.37
C PHE A 298 0.60 -13.40 -28.30
N LEU A 299 1.17 -12.25 -27.97
CA LEU A 299 2.08 -11.56 -28.91
C LEU A 299 3.58 -11.94 -28.78
N TYR A 300 3.91 -13.02 -28.09
CA TYR A 300 5.29 -13.56 -28.10
C TYR A 300 5.95 -13.46 -29.50
N ASP A 301 5.28 -14.01 -30.51
CA ASP A 301 5.85 -14.05 -31.86
C ASP A 301 5.82 -12.68 -32.53
N CYS A 302 4.76 -11.91 -32.30
CA CYS A 302 4.57 -10.63 -32.98
C CYS A 302 5.68 -9.62 -32.59
N ILE A 303 6.16 -9.63 -31.36
CA ILE A 303 7.10 -8.58 -30.94
C ILE A 303 8.58 -8.86 -31.27
N THR A 304 8.84 -9.94 -32.00
CA THR A 304 10.16 -10.15 -32.59
C THR A 304 10.21 -9.49 -33.95
N LYS A 305 9.04 -9.32 -34.60
CA LYS A 305 9.03 -8.88 -35.97
C LYS A 305 8.15 -7.65 -36.27
N THR A 306 7.29 -7.21 -35.37
CA THR A 306 6.23 -6.25 -35.74
C THR A 306 6.74 -4.86 -36.10
N LYS A 307 5.89 -4.10 -36.80
CA LYS A 307 6.18 -2.73 -37.24
C LYS A 307 5.10 -1.79 -36.76
N ALA A 308 4.30 -2.25 -35.82
CA ALA A 308 3.12 -1.50 -35.39
C ALA A 308 3.53 -0.37 -34.48
N PHE A 309 4.72 -0.50 -33.85
CA PHE A 309 5.31 0.60 -33.04
C PHE A 309 6.04 1.64 -33.88
N GLN A 310 6.13 1.42 -35.18
CA GLN A 310 6.64 2.45 -36.08
C GLN A 310 5.65 3.60 -36.00
N GLY A 311 6.12 4.77 -35.62
CA GLY A 311 5.25 5.93 -35.62
C GLY A 311 4.51 6.24 -34.33
N LEU A 312 4.77 5.49 -33.27
CA LEU A 312 4.27 5.85 -31.92
C LEU A 312 5.36 6.58 -31.15
N ALA A 313 5.64 7.81 -31.62
CA ALA A 313 6.72 8.68 -31.11
C ALA A 313 6.57 9.20 -29.70
N GLN A 314 5.35 9.61 -29.30
CA GLN A 314 5.06 10.16 -27.94
C GLN A 314 4.91 9.10 -26.84
N LEU A 315 4.74 7.85 -27.24
CA LEU A 315 4.48 6.77 -26.28
C LEU A 315 5.54 6.71 -25.18
N ARG A 316 5.10 6.66 -23.93
CA ARG A 316 5.99 6.64 -22.74
C ARG A 316 5.89 5.42 -21.86
N ARG A 317 4.70 4.82 -21.79
CA ARG A 317 4.53 3.54 -21.10
C ARG A 317 3.90 2.51 -22.03
N LEU A 318 4.63 1.42 -22.26
CA LEU A 318 4.13 0.26 -22.96
C LEU A 318 4.24 -1.00 -22.10
N ASN A 319 3.09 -1.67 -21.91
CA ASN A 319 3.04 -2.89 -21.13
C ASN A 319 2.83 -4.15 -21.99
N LEU A 320 3.83 -5.02 -22.03
CA LEU A 320 3.69 -6.28 -22.77
C LEU A 320 3.64 -7.50 -21.87
N SER A 321 3.53 -7.29 -20.56
CA SER A 321 3.56 -8.41 -19.62
C SER A 321 2.56 -9.51 -19.96
N PHE A 322 2.97 -10.76 -19.70
CA PHE A 322 2.12 -11.94 -19.81
C PHE A 322 1.68 -12.33 -21.24
N ASN A 323 2.56 -12.08 -22.21
CA ASN A 323 2.35 -12.59 -23.55
C ASN A 323 3.18 -13.86 -23.71
N TYR A 324 2.73 -14.92 -23.06
CA TYR A 324 3.48 -16.17 -23.05
C TYR A 324 2.73 -17.20 -23.87
N HIS A 325 3.47 -18.15 -24.42
CA HIS A 325 2.89 -19.38 -25.00
C HIS A 325 2.00 -20.06 -23.95
N LYS A 326 0.77 -20.39 -24.32
CA LYS A 326 -0.22 -20.87 -23.34
C LYS A 326 0.14 -22.20 -22.69
N LYS A 327 0.89 -23.04 -23.41
CA LYS A 327 1.44 -24.30 -22.89
C LYS A 327 2.34 -24.16 -21.63
N VAL A 328 2.74 -22.93 -21.31
CA VAL A 328 3.72 -22.61 -20.25
C VAL A 328 5.10 -23.07 -20.69
N SER A 329 5.69 -22.29 -21.61
CA SER A 329 7.00 -22.58 -22.18
C SER A 329 7.71 -21.31 -22.64
N PHE A 330 8.97 -21.46 -23.04
CA PHE A 330 9.81 -20.33 -23.45
C PHE A 330 9.43 -19.77 -24.82
N ALA A 331 9.26 -18.45 -24.88
CA ALA A 331 9.38 -17.71 -26.15
C ALA A 331 10.87 -17.47 -26.36
N HIS A 332 11.34 -17.58 -27.59
CA HIS A 332 12.72 -17.15 -27.93
C HIS A 332 12.68 -15.73 -28.48
N LEU A 333 13.53 -14.86 -27.96
CA LEU A 333 13.18 -13.46 -27.95
C LEU A 333 14.25 -12.46 -28.35
N THR A 334 13.93 -11.74 -29.42
CA THR A 334 14.62 -10.56 -29.87
C THR A 334 13.50 -9.58 -30.04
N LEU A 335 13.71 -8.32 -29.69
CA LEU A 335 12.70 -7.31 -29.91
C LEU A 335 12.79 -6.75 -31.33
N ALA A 336 11.66 -6.76 -32.03
CA ALA A 336 11.57 -6.14 -33.36
C ALA A 336 12.25 -4.77 -33.38
N PRO A 337 12.88 -4.40 -34.50
CA PRO A 337 13.55 -3.09 -34.51
C PRO A 337 12.61 -1.89 -34.42
N SER A 338 11.30 -2.08 -34.47
CA SER A 338 10.40 -0.93 -34.50
C SER A 338 10.23 -0.36 -33.09
N PHE A 339 10.41 -1.19 -32.06
CA PHE A 339 10.63 -0.71 -30.68
C PHE A 339 11.53 0.53 -30.66
N GLY A 340 12.57 0.52 -31.47
CA GLY A 340 13.40 1.68 -31.65
C GLY A 340 12.67 2.97 -32.00
N SER A 341 11.49 2.91 -32.57
CA SER A 341 10.74 4.12 -32.90
C SER A 341 9.98 4.72 -31.68
N LEU A 342 10.09 4.08 -30.54
CA LEU A 342 9.42 4.53 -29.34
C LEU A 342 10.35 5.54 -28.64
N LEU A 343 10.51 6.69 -29.27
CA LEU A 343 11.55 7.64 -28.87
C LEU A 343 11.26 8.30 -27.54
N SER A 344 9.98 8.40 -27.21
CA SER A 344 9.61 8.94 -25.92
C SER A 344 9.45 7.85 -24.86
N LEU A 345 9.81 6.60 -25.16
CA LEU A 345 9.52 5.50 -24.21
C LEU A 345 10.19 5.74 -22.87
N GLN A 346 9.45 5.62 -21.76
CA GLN A 346 10.02 5.74 -20.39
C GLN A 346 9.98 4.43 -19.61
N GLU A 347 8.96 3.60 -19.87
CA GLU A 347 8.75 2.42 -19.04
C GLU A 347 8.27 1.24 -19.84
N LEU A 348 9.04 0.16 -19.86
CA LEU A 348 8.65 -1.02 -20.64
C LEU A 348 8.46 -2.23 -19.75
N ASP A 349 7.26 -2.79 -19.76
CA ASP A 349 6.93 -3.95 -18.92
C ASP A 349 6.93 -5.26 -19.70
N MET A 350 7.88 -6.13 -19.40
CA MET A 350 7.99 -7.41 -20.09
C MET A 350 8.09 -8.58 -19.11
N HIS A 351 7.41 -8.47 -17.99
CA HIS A 351 7.56 -9.52 -17.00
C HIS A 351 6.58 -10.64 -17.38
N GLY A 352 6.96 -11.89 -17.12
CA GLY A 352 6.06 -13.00 -17.34
C GLY A 352 5.75 -13.29 -18.79
N ILE A 353 6.75 -13.15 -19.65
CA ILE A 353 6.63 -13.53 -21.05
C ILE A 353 7.25 -14.91 -21.18
N PHE A 354 8.21 -15.19 -20.31
CA PHE A 354 8.95 -16.46 -20.25
C PHE A 354 9.92 -16.63 -21.42
N PHE A 355 11.21 -16.43 -21.13
CA PHE A 355 12.26 -16.70 -22.10
C PHE A 355 13.57 -16.96 -21.39
N ARG A 356 14.53 -17.49 -22.14
CA ARG A 356 15.65 -18.22 -21.57
C ARG A 356 16.87 -17.34 -21.38
N SER A 357 17.17 -16.52 -22.38
CA SER A 357 18.45 -15.82 -22.44
C SER A 357 18.32 -14.30 -22.63
N LEU A 358 18.92 -13.55 -21.70
CA LEU A 358 19.08 -12.11 -21.84
C LEU A 358 20.47 -11.79 -22.42
N SER A 359 20.48 -11.10 -23.55
CA SER A 359 21.70 -10.87 -24.30
C SER A 359 21.55 -9.56 -25.04
N GLN A 360 22.63 -9.13 -25.67
CA GLN A 360 22.59 -7.88 -26.38
C GLN A 360 21.55 -7.88 -27.51
N LYS A 361 21.39 -8.99 -28.24
CA LYS A 361 20.35 -9.08 -29.28
C LYS A 361 18.99 -8.72 -28.68
N THR A 362 18.72 -9.29 -27.50
CA THR A 362 17.40 -9.30 -26.88
C THR A 362 16.73 -7.96 -26.89
N LEU A 363 17.45 -6.96 -26.39
CA LEU A 363 16.89 -5.63 -26.14
C LEU A 363 17.52 -4.56 -27.01
N GLN A 364 17.95 -4.96 -28.21
CA GLN A 364 18.82 -4.12 -29.01
C GLN A 364 18.21 -2.76 -29.40
N PRO A 365 17.02 -2.77 -30.04
CA PRO A 365 16.49 -1.49 -30.50
C PRO A 365 16.27 -0.50 -29.38
N LEU A 366 16.11 -0.97 -28.15
CA LEU A 366 15.91 -0.10 -26.99
C LEU A 366 17.19 0.62 -26.54
N ALA A 367 18.32 0.00 -26.82
CA ALA A 367 19.56 0.32 -26.13
C ALA A 367 19.89 1.82 -26.03
N ARG A 368 19.52 2.57 -27.07
CA ARG A 368 19.83 4.00 -27.16
C ARG A 368 18.58 4.88 -27.11
N LEU A 369 17.40 4.32 -26.86
CA LEU A 369 16.25 5.18 -26.55
C LEU A 369 16.73 6.05 -25.36
N PRO A 370 16.58 7.39 -25.47
CA PRO A 370 17.20 8.37 -24.57
C PRO A 370 16.49 8.64 -23.23
N MET A 371 15.18 8.34 -23.17
CA MET A 371 14.40 8.55 -21.96
C MET A 371 13.91 7.27 -21.33
N LEU A 372 14.34 6.12 -21.83
CA LEU A 372 13.96 4.83 -21.22
C LEU A 372 14.62 4.66 -19.84
N GLN A 373 13.76 4.55 -18.83
CA GLN A 373 14.13 4.61 -17.41
C GLN A 373 13.83 3.35 -16.65
N ARG A 374 12.76 2.65 -17.01
CA ARG A 374 12.27 1.52 -16.20
C ARG A 374 12.01 0.30 -17.05
N LEU A 375 12.38 -0.85 -16.51
CA LEU A 375 12.51 -2.08 -17.26
C LEU A 375 12.13 -3.28 -16.40
N TYR A 376 10.90 -3.73 -16.56
CA TYR A 376 10.36 -4.83 -15.80
C TYR A 376 10.56 -6.11 -16.58
N LEU A 377 11.41 -6.96 -16.04
CA LEU A 377 11.80 -8.21 -16.65
C LEU A 377 11.64 -9.38 -15.71
N GLN A 378 10.93 -9.21 -14.58
CA GLN A 378 10.80 -10.31 -13.61
C GLN A 378 9.85 -11.45 -14.05
N MET A 379 9.99 -12.59 -13.36
CA MET A 379 9.14 -13.75 -13.56
C MET A 379 9.20 -14.24 -14.99
N ASN A 380 10.39 -14.24 -15.57
CA ASN A 380 10.56 -14.62 -16.97
C ASN A 380 11.32 -15.92 -17.15
N PHE A 381 11.71 -16.54 -16.03
CA PHE A 381 12.49 -17.79 -16.02
C PHE A 381 13.75 -17.79 -16.91
N ILE A 382 14.40 -16.62 -16.99
CA ILE A 382 15.70 -16.44 -17.66
C ILE A 382 16.76 -17.20 -16.87
N ASN A 383 17.66 -17.90 -17.57
CA ASN A 383 18.79 -18.59 -16.91
C ASN A 383 20.18 -18.16 -17.38
N GLN A 384 20.22 -17.40 -18.48
CA GLN A 384 21.48 -16.81 -18.98
C GLN A 384 21.26 -15.33 -19.18
N ALA A 385 21.78 -14.54 -18.24
CA ALA A 385 21.70 -13.09 -18.33
C ALA A 385 23.06 -12.54 -18.67
N GLN A 386 23.10 -11.36 -19.29
CA GLN A 386 24.35 -10.69 -19.61
C GLN A 386 24.18 -9.28 -19.06
N LEU A 387 24.49 -9.13 -17.78
CA LEU A 387 24.13 -7.90 -17.06
C LEU A 387 24.82 -6.67 -17.60
N GLY A 388 25.90 -6.88 -18.34
CA GLY A 388 26.63 -5.80 -18.99
C GLY A 388 25.93 -5.05 -20.11
N ILE A 389 24.98 -5.70 -20.79
CA ILE A 389 24.26 -5.08 -21.90
C ILE A 389 23.74 -3.71 -21.48
N PHE A 390 23.54 -3.52 -20.17
CA PHE A 390 22.83 -2.34 -19.60
C PHE A 390 23.69 -1.11 -19.29
N LYS A 391 24.98 -1.29 -19.06
CA LYS A 391 25.91 -0.17 -18.90
C LYS A 391 25.56 1.11 -19.69
N ASP A 392 25.54 1.04 -21.02
CA ASP A 392 25.41 2.25 -21.84
C ASP A 392 23.99 2.69 -22.15
N PHE A 393 22.99 2.08 -21.53
CA PHE A 393 21.61 2.59 -21.68
C PHE A 393 21.64 4.03 -21.14
N PRO A 394 21.31 5.01 -21.99
CA PRO A 394 21.54 6.40 -21.59
C PRO A 394 20.80 6.88 -20.35
N GLY A 395 19.55 6.45 -20.16
CA GLY A 395 18.74 6.97 -19.04
C GLY A 395 18.11 5.98 -18.07
N LEU A 396 18.62 4.75 -18.05
CA LEU A 396 18.14 3.73 -17.09
C LEU A 396 18.23 4.19 -15.66
N ARG A 397 17.38 3.60 -14.82
CA ARG A 397 17.30 3.96 -13.42
C ARG A 397 16.85 2.80 -12.58
N TYR A 398 15.85 2.05 -13.07
CA TYR A 398 15.38 0.79 -12.45
C TYR A 398 15.36 -0.41 -13.42
N ILE A 399 15.81 -1.57 -12.94
CA ILE A 399 15.69 -2.84 -13.69
C ILE A 399 15.19 -3.94 -12.77
N ASP A 400 13.95 -4.39 -12.98
CA ASP A 400 13.44 -5.57 -12.21
C ASP A 400 13.76 -6.84 -12.99
N LEU A 401 14.67 -7.62 -12.39
CA LEU A 401 15.09 -8.91 -12.89
C LEU A 401 14.90 -9.97 -11.81
N SER A 402 14.01 -9.71 -10.86
CA SER A 402 13.72 -10.70 -9.81
C SER A 402 12.89 -11.87 -10.36
N ASP A 403 12.86 -12.96 -9.60
CA ASP A 403 12.08 -14.13 -9.94
C ASP A 403 12.45 -14.65 -11.34
N ASN A 404 13.74 -14.86 -11.55
CA ASN A 404 14.27 -15.54 -12.73
C ASN A 404 15.25 -16.58 -12.21
N ARG A 405 15.92 -17.29 -13.12
CA ARG A 405 16.82 -18.37 -12.73
C ARG A 405 18.28 -18.10 -13.13
N ILE A 406 18.66 -16.83 -13.13
CA ILE A 406 20.06 -16.43 -13.28
C ILE A 406 20.86 -17.08 -12.14
N SER A 407 22.11 -17.44 -12.41
CA SER A 407 22.95 -18.06 -11.39
C SER A 407 24.43 -17.69 -11.49
N GLY A 408 24.75 -16.67 -12.30
CA GLY A 408 26.14 -16.22 -12.47
C GLY A 408 26.29 -15.24 -13.62
N ALA A 409 27.45 -15.28 -14.28
CA ALA A 409 27.67 -14.58 -15.56
C ALA A 409 27.34 -15.55 -16.71
N VAL A 410 27.53 -15.14 -17.98
CA VAL A 410 27.27 -16.05 -19.12
C VAL A 410 28.38 -17.10 -19.29
N GLU A 411 27.96 -18.36 -19.41
CA GLU A 411 28.89 -19.49 -19.55
C GLU A 411 28.74 -20.16 -20.91
N GLU A 443 12.04 4.75 4.81
CA GLU A 443 11.82 4.04 6.06
C GLU A 443 12.97 4.34 7.03
N ASP A 444 12.64 4.52 8.31
CA ASP A 444 13.59 4.98 9.34
C ASP A 444 14.86 4.11 9.49
N PHE A 445 14.75 2.79 9.33
CA PHE A 445 15.88 1.85 9.52
C PHE A 445 16.56 1.32 8.25
N MET A 446 15.87 1.36 7.11
CA MET A 446 16.44 0.87 5.86
C MET A 446 15.78 1.61 4.70
N PRO A 447 16.46 2.62 4.15
CA PRO A 447 15.78 3.51 3.21
C PRO A 447 15.53 2.80 1.89
N SER A 448 14.53 3.26 1.13
CA SER A 448 14.22 2.67 -0.16
C SER A 448 15.10 3.27 -1.26
N CYS A 449 15.15 2.59 -2.39
CA CYS A 449 16.01 2.96 -3.50
C CYS A 449 15.29 3.84 -4.53
N LYS A 450 14.12 4.37 -4.18
CA LYS A 450 13.25 5.05 -5.17
C LYS A 450 13.84 6.33 -5.74
N ASN A 451 14.34 7.22 -4.88
CA ASN A 451 14.97 8.47 -5.33
C ASN A 451 16.36 8.26 -5.96
N LEU A 452 16.98 7.08 -5.76
CA LEU A 452 18.30 6.74 -6.32
C LEU A 452 18.30 6.51 -7.84
N SER A 453 19.49 6.57 -8.41
CA SER A 453 19.65 6.87 -9.83
C SER A 453 19.81 5.62 -10.71
N PHE A 454 20.30 4.54 -10.13
CA PHE A 454 20.42 3.31 -10.90
C PHE A 454 20.30 2.09 -9.97
N THR A 455 19.26 1.29 -10.19
CA THR A 455 18.89 0.22 -9.26
C THR A 455 18.66 -1.11 -9.95
N LEU A 456 19.21 -2.18 -9.37
CA LEU A 456 19.08 -3.51 -9.95
C LEU A 456 18.58 -4.49 -8.92
N ASP A 457 17.42 -5.08 -9.19
CA ASP A 457 16.85 -6.07 -8.31
C ASP A 457 17.01 -7.44 -8.95
N LEU A 458 17.83 -8.27 -8.33
CA LEU A 458 18.03 -9.67 -8.72
C LEU A 458 17.53 -10.65 -7.65
N SER A 459 16.47 -10.27 -6.94
CA SER A 459 16.03 -11.10 -5.83
C SER A 459 15.35 -12.32 -6.38
N ARG A 460 15.14 -13.32 -5.53
CA ARG A 460 14.48 -14.54 -5.92
C ARG A 460 15.05 -14.95 -7.26
N ASN A 461 16.36 -15.07 -7.30
CA ASN A 461 17.02 -15.79 -8.37
C ASN A 461 17.68 -16.98 -7.74
N ASN A 462 18.37 -17.78 -8.53
CA ASN A 462 19.01 -19.01 -8.03
C ASN A 462 20.52 -18.88 -8.10
N LEU A 463 21.02 -17.87 -7.38
CA LEU A 463 22.45 -17.69 -7.15
C LEU A 463 22.86 -18.45 -5.90
N VAL A 464 23.92 -19.21 -6.01
CA VAL A 464 24.50 -19.84 -4.83
C VAL A 464 25.70 -19.03 -4.38
N THR A 465 26.48 -18.52 -5.32
CA THR A 465 27.64 -17.72 -4.93
C THR A 465 27.76 -16.52 -5.86
N VAL A 466 28.34 -15.44 -5.35
CA VAL A 466 28.50 -14.18 -6.08
C VAL A 466 29.89 -14.09 -6.69
N GLN A 467 29.95 -14.01 -8.01
CA GLN A 467 31.20 -13.70 -8.69
C GLN A 467 31.36 -12.19 -8.65
N PRO A 468 32.60 -11.70 -8.44
CA PRO A 468 32.81 -10.27 -8.59
C PRO A 468 32.61 -9.79 -10.03
N GLU A 469 33.05 -10.60 -10.98
CA GLU A 469 32.99 -10.23 -12.39
C GLU A 469 31.57 -10.09 -12.94
N MET A 470 30.58 -10.72 -12.30
CA MET A 470 29.18 -10.47 -12.63
C MET A 470 28.90 -8.99 -12.82
N PHE A 471 29.44 -8.18 -11.92
CA PHE A 471 29.10 -6.75 -11.84
C PHE A 471 30.18 -5.87 -12.49
N ALA A 472 30.78 -6.38 -13.57
CA ALA A 472 31.92 -5.73 -14.18
C ALA A 472 31.56 -4.41 -14.84
N GLN A 473 30.32 -4.30 -15.28
CA GLN A 473 29.93 -3.22 -16.18
C GLN A 473 28.96 -2.29 -15.50
N LEU A 474 28.77 -2.46 -14.20
CA LEU A 474 27.70 -1.78 -13.49
C LEU A 474 28.24 -0.92 -12.37
N SER A 475 29.42 -0.33 -12.57
CA SER A 475 30.04 0.45 -11.52
C SER A 475 29.16 1.65 -11.17
N ARG A 476 28.26 2.01 -12.09
CA ARG A 476 27.29 3.10 -11.90
C ARG A 476 26.11 2.79 -10.96
N LEU A 477 25.94 1.54 -10.56
CA LEU A 477 24.85 1.18 -9.65
C LEU A 477 24.92 1.93 -8.32
N GLN A 478 23.74 2.31 -7.83
CA GLN A 478 23.57 2.85 -6.50
C GLN A 478 22.79 1.91 -5.57
N CYS A 479 22.11 0.91 -6.13
CA CYS A 479 21.28 0.02 -5.32
C CYS A 479 21.25 -1.35 -5.94
N LEU A 480 21.54 -2.35 -5.13
CA LEU A 480 21.59 -3.72 -5.61
C LEU A 480 20.81 -4.58 -4.67
N ARG A 481 19.72 -5.14 -5.15
CA ARG A 481 18.89 -5.96 -4.31
C ARG A 481 19.13 -7.42 -4.64
N LEU A 482 19.79 -8.14 -3.72
CA LEU A 482 20.09 -9.56 -3.90
C LEU A 482 19.43 -10.47 -2.87
N SER A 483 18.26 -10.10 -2.35
CA SER A 483 17.65 -10.91 -1.29
C SER A 483 17.07 -12.18 -1.86
N HIS A 484 16.78 -13.12 -0.96
CA HIS A 484 16.09 -14.35 -1.30
C HIS A 484 16.73 -15.07 -2.49
N ASN A 485 18.04 -15.12 -2.51
CA ASN A 485 18.72 -16.14 -3.27
C ASN A 485 19.11 -17.19 -2.26
N SER A 486 19.90 -18.17 -2.65
CA SER A 486 20.41 -19.12 -1.67
C SER A 486 21.90 -18.87 -1.56
N ILE A 487 22.27 -17.62 -1.26
CA ILE A 487 23.70 -17.26 -1.24
C ILE A 487 24.38 -17.73 0.06
N SER A 488 25.28 -18.71 -0.07
CA SER A 488 25.98 -19.31 1.06
C SER A 488 27.48 -19.24 0.82
N GLN A 489 27.97 -18.01 0.70
CA GLN A 489 29.35 -17.74 0.38
C GLN A 489 30.07 -17.20 1.63
N ALA A 490 31.37 -16.98 1.52
CA ALA A 490 32.09 -16.16 2.47
C ALA A 490 32.21 -14.73 1.92
N VAL A 491 31.75 -13.76 2.71
CA VAL A 491 32.04 -12.37 2.41
C VAL A 491 33.33 -12.03 3.12
N ASN A 492 34.28 -11.50 2.36
CA ASN A 492 35.60 -11.16 2.88
C ASN A 492 36.20 -9.90 2.26
N GLY A 493 35.44 -9.21 1.40
CA GLY A 493 35.97 -8.08 0.66
C GLY A 493 36.18 -8.34 -0.83
N SER A 494 36.15 -9.60 -1.26
CA SER A 494 36.45 -9.95 -2.67
C SER A 494 35.26 -9.91 -3.62
N GLN A 495 34.04 -9.79 -3.10
CA GLN A 495 32.85 -10.15 -3.85
C GLN A 495 32.25 -9.03 -4.68
N PHE A 496 32.30 -7.79 -4.19
CA PHE A 496 31.60 -6.69 -4.86
C PHE A 496 32.57 -5.57 -5.30
N VAL A 497 33.65 -5.97 -5.97
CA VAL A 497 34.77 -5.06 -6.27
C VAL A 497 34.41 -3.99 -7.30
N PRO A 498 33.73 -4.37 -8.39
CA PRO A 498 33.39 -3.36 -9.40
C PRO A 498 32.44 -2.27 -8.94
N LEU A 499 31.69 -2.53 -7.86
CA LEU A 499 30.51 -1.70 -7.50
C LEU A 499 30.81 -0.49 -6.64
N THR A 500 31.51 0.46 -7.23
CA THR A 500 32.16 1.50 -6.45
C THR A 500 31.30 2.74 -6.29
N SER A 501 30.09 2.72 -6.84
CA SER A 501 29.12 3.79 -6.59
C SER A 501 28.02 3.34 -5.66
N LEU A 502 28.02 2.04 -5.30
CA LEU A 502 26.88 1.41 -4.63
C LEU A 502 26.64 1.97 -3.26
N GLN A 503 25.37 2.26 -2.99
CA GLN A 503 24.94 2.82 -1.72
C GLN A 503 23.94 1.93 -0.96
N VAL A 504 23.19 1.12 -1.68
CA VAL A 504 22.21 0.22 -1.06
C VAL A 504 22.51 -1.19 -1.50
N LEU A 505 22.67 -2.08 -0.52
CA LEU A 505 22.95 -3.47 -0.77
C LEU A 505 22.06 -4.27 0.13
N ASP A 506 21.03 -4.86 -0.48
CA ASP A 506 20.08 -5.67 0.26
C ASP A 506 20.43 -7.10 0.01
N LEU A 507 21.01 -7.74 1.00
CA LEU A 507 21.42 -9.11 0.89
C LEU A 507 20.56 -10.04 1.71
N SER A 508 19.40 -9.55 2.15
CA SER A 508 18.57 -10.26 3.13
C SER A 508 17.99 -11.56 2.60
N HIS A 509 17.62 -12.45 3.52
CA HIS A 509 17.05 -13.76 3.20
C HIS A 509 17.98 -14.63 2.41
N ASN A 510 19.15 -14.87 2.98
CA ASN A 510 20.11 -15.78 2.40
C ASN A 510 20.71 -16.71 3.48
N LYS A 511 21.88 -17.25 3.21
CA LYS A 511 22.60 -18.12 4.15
C LYS A 511 24.08 -17.67 4.23
N LEU A 512 24.32 -16.36 4.12
CA LEU A 512 25.67 -15.80 4.16
C LEU A 512 26.43 -16.33 5.37
N ASP A 513 27.49 -17.11 5.11
CA ASP A 513 27.96 -18.09 6.09
C ASP A 513 28.87 -17.56 7.19
N LEU A 514 29.58 -16.45 6.94
CA LEU A 514 30.36 -15.84 8.00
C LEU A 514 30.64 -14.39 7.64
N TYR A 515 30.92 -13.57 8.65
CA TYR A 515 31.21 -12.14 8.47
C TYR A 515 32.56 -11.76 9.09
N HIS A 516 33.41 -11.14 8.26
CA HIS A 516 34.83 -10.96 8.55
C HIS A 516 35.16 -9.48 8.63
N GLY A 517 36.39 -9.18 9.07
CA GLY A 517 36.82 -7.79 9.26
C GLY A 517 36.98 -7.00 7.98
N ARG A 518 37.04 -7.68 6.83
CA ARG A 518 37.16 -7.02 5.53
C ARG A 518 35.88 -7.14 4.68
N SER A 519 34.85 -7.81 5.21
CA SER A 519 33.55 -7.87 4.54
C SER A 519 33.05 -6.47 4.13
N PHE A 520 32.64 -6.32 2.87
CA PHE A 520 31.96 -5.11 2.36
C PHE A 520 32.83 -3.86 2.26
N THR A 521 34.11 -3.98 2.59
CA THR A 521 35.05 -2.85 2.56
C THR A 521 35.42 -2.46 1.16
N GLU A 522 35.23 -3.40 0.22
CA GLU A 522 35.42 -3.15 -1.21
C GLU A 522 34.40 -2.17 -1.79
N LEU A 523 33.32 -1.90 -1.03
CA LEU A 523 32.31 -0.94 -1.43
C LEU A 523 32.54 0.36 -0.70
N PRO A 524 33.38 1.24 -1.26
CA PRO A 524 33.69 2.49 -0.55
C PRO A 524 32.46 3.29 -0.12
N ARG A 525 31.46 3.37 -0.99
CA ARG A 525 30.41 4.40 -0.89
C ARG A 525 29.10 3.88 -0.29
N LEU A 526 29.17 2.70 0.28
CA LEU A 526 28.00 2.05 0.84
C LEU A 526 27.35 2.85 2.01
N GLU A 527 26.13 3.35 1.79
CA GLU A 527 25.38 4.10 2.80
C GLU A 527 24.38 3.24 3.62
N ALA A 528 23.97 2.09 3.10
CA ALA A 528 22.96 1.28 3.80
C ALA A 528 23.07 -0.16 3.42
N LEU A 529 23.04 -1.05 4.42
CA LEU A 529 23.31 -2.46 4.20
C LEU A 529 22.32 -3.35 4.95
N ASP A 530 21.61 -4.20 4.22
CA ASP A 530 20.66 -5.13 4.83
C ASP A 530 21.20 -6.55 4.89
N LEU A 531 21.43 -7.02 6.11
CA LEU A 531 21.92 -8.37 6.32
C LEU A 531 20.93 -9.20 7.14
N SER A 532 19.70 -8.73 7.24
CA SER A 532 18.67 -9.46 7.96
C SER A 532 18.38 -10.85 7.36
N TYR A 533 17.72 -11.67 8.18
CA TYR A 533 17.32 -13.04 7.84
C TYR A 533 18.41 -13.89 7.23
N ASN A 534 19.60 -13.76 7.82
CA ASN A 534 20.75 -14.57 7.43
C ASN A 534 21.30 -15.32 8.64
N SER A 535 20.87 -16.57 8.80
CA SER A 535 21.16 -17.35 9.99
C SER A 535 21.76 -18.70 9.61
N GLN A 536 23.07 -18.83 9.80
CA GLN A 536 23.77 -20.12 9.68
C GLN A 536 24.62 -20.32 10.94
N PRO A 537 23.99 -20.77 12.05
CA PRO A 537 24.68 -20.96 13.33
C PRO A 537 25.54 -22.24 13.44
N PHE A 538 25.41 -23.13 12.46
CA PHE A 538 26.15 -24.39 12.44
C PHE A 538 27.28 -24.37 11.42
N SER A 539 27.01 -23.84 10.23
CA SER A 539 28.01 -23.73 9.17
C SER A 539 29.04 -22.61 9.42
N MET A 540 29.23 -22.24 10.69
CA MET A 540 30.13 -21.14 11.05
C MET A 540 31.61 -21.53 11.02
N ARG A 541 31.89 -22.84 11.00
CA ARG A 541 33.26 -23.40 10.96
C ARG A 541 33.93 -23.44 12.33
N GLY A 542 33.10 -23.49 13.39
CA GLY A 542 33.58 -23.56 14.77
C GLY A 542 33.85 -22.22 15.47
N VAL A 543 33.57 -21.11 14.80
CA VAL A 543 33.86 -19.76 15.34
C VAL A 543 32.59 -18.87 15.28
N GLY A 544 32.75 -17.56 15.04
CA GLY A 544 31.63 -16.64 14.90
C GLY A 544 31.89 -15.44 14.01
N HIS A 545 30.92 -14.53 13.95
CA HIS A 545 31.06 -13.33 13.13
C HIS A 545 32.13 -12.41 13.73
N ASN A 546 32.89 -11.75 12.85
CA ASN A 546 33.70 -10.58 13.20
C ASN A 546 33.03 -9.34 12.63
N LEU A 547 32.66 -8.41 13.50
CA LEU A 547 31.81 -7.30 13.09
C LEU A 547 32.59 -5.98 13.03
N SER A 548 33.92 -6.08 13.05
CA SER A 548 34.77 -4.89 13.02
C SER A 548 34.54 -4.12 11.72
N PHE A 549 34.22 -4.86 10.67
CA PHE A 549 33.99 -4.28 9.34
C PHE A 549 33.02 -3.10 9.36
N VAL A 550 32.11 -3.11 10.32
CA VAL A 550 31.14 -2.04 10.48
C VAL A 550 31.86 -0.73 10.84
N ALA A 551 32.95 -0.84 11.61
CA ALA A 551 33.85 0.29 11.86
C ALA A 551 34.55 0.77 10.58
N GLN A 552 34.78 -0.16 9.65
CA GLN A 552 35.56 0.11 8.43
C GLN A 552 34.79 0.75 7.26
N LEU A 553 33.64 1.36 7.52
CA LEU A 553 32.74 1.77 6.43
C LEU A 553 32.26 3.22 6.55
N PRO A 554 33.06 4.18 6.08
CA PRO A 554 32.87 5.58 6.48
C PRO A 554 31.56 6.24 6.01
N THR A 555 30.84 5.57 5.13
CA THR A 555 29.62 6.12 4.56
C THR A 555 28.37 5.54 5.20
N LEU A 556 28.55 4.49 6.00
CA LEU A 556 27.45 3.64 6.45
C LEU A 556 26.57 4.26 7.52
N ARG A 557 25.30 4.42 7.19
CA ARG A 557 24.30 4.91 8.13
C ARG A 557 23.40 3.77 8.64
N TYR A 558 22.86 2.99 7.71
CA TYR A 558 21.80 2.07 8.02
C TYR A 558 22.30 0.65 7.94
N LEU A 559 22.08 -0.13 9.00
CA LEU A 559 22.47 -1.54 9.04
C LEU A 559 21.37 -2.41 9.67
N SER A 560 21.06 -3.54 9.04
CA SER A 560 20.13 -4.49 9.62
C SER A 560 20.84 -5.81 9.86
N LEU A 561 20.75 -6.30 11.09
CA LEU A 561 21.23 -7.63 11.44
C LEU A 561 20.06 -8.42 11.96
N ALA A 562 18.86 -7.97 11.62
CA ALA A 562 17.63 -8.50 12.20
C ALA A 562 17.49 -10.00 11.97
N HIS A 563 16.95 -10.71 12.95
CA HIS A 563 16.61 -12.10 12.75
C HIS A 563 17.77 -12.90 12.19
N ASN A 564 18.96 -12.68 12.73
CA ASN A 564 20.13 -13.47 12.34
C ASN A 564 20.48 -14.55 13.37
N GLY A 565 19.70 -14.60 14.46
CA GLY A 565 19.87 -15.60 15.50
C GLY A 565 21.15 -15.41 16.29
N ILE A 566 21.62 -14.17 16.39
CA ILE A 566 22.89 -13.88 17.07
C ILE A 566 22.73 -14.21 18.53
N HIS A 567 23.22 -15.39 18.90
CA HIS A 567 23.12 -15.92 20.26
C HIS A 567 24.39 -15.60 21.06
N SER A 568 25.55 -16.02 20.53
CA SER A 568 26.81 -15.93 21.27
C SER A 568 28.02 -15.69 20.36
N ARG A 569 29.19 -16.13 20.81
CA ARG A 569 30.40 -16.22 19.97
C ARG A 569 30.52 -15.09 18.97
N VAL A 570 30.62 -13.85 19.43
CA VAL A 570 30.67 -12.73 18.48
C VAL A 570 31.34 -11.49 19.07
N SER A 571 31.80 -10.61 18.19
CA SER A 571 32.40 -9.34 18.59
C SER A 571 31.72 -8.71 19.78
N GLN A 572 32.46 -7.89 20.51
CA GLN A 572 32.00 -7.32 21.77
C GLN A 572 31.74 -5.83 21.69
N GLN A 573 31.88 -5.25 20.50
CA GLN A 573 31.66 -3.82 20.34
C GLN A 573 31.43 -3.43 18.90
N LEU A 574 30.21 -3.02 18.58
CA LEU A 574 29.94 -2.34 17.32
C LEU A 574 30.41 -0.93 17.50
N CYS A 575 31.26 -0.52 16.57
CA CYS A 575 31.78 0.82 16.56
C CYS A 575 31.44 1.37 15.19
N SER A 576 30.95 2.61 15.16
CA SER A 576 30.81 3.36 13.93
C SER A 576 30.55 4.81 14.26
N THR A 577 31.43 5.67 13.75
CA THR A 577 31.32 7.11 13.90
C THR A 577 30.26 7.67 12.93
N SER A 578 29.83 6.83 11.98
CA SER A 578 28.92 7.21 10.88
C SER A 578 27.49 6.68 11.01
N LEU A 579 27.32 5.57 11.72
CA LEU A 579 26.03 4.86 11.77
C LEU A 579 24.91 5.65 12.47
N TRP A 580 23.78 5.75 11.77
CA TRP A 580 22.59 6.46 12.23
C TRP A 580 21.48 5.53 12.78
N ALA A 581 21.44 4.26 12.39
CA ALA A 581 20.31 3.39 12.74
C ALA A 581 20.67 1.92 12.64
N LEU A 582 20.22 1.14 13.60
CA LEU A 582 20.59 -0.25 13.64
C LEU A 582 19.40 -1.07 14.03
N ASP A 583 19.06 -2.04 13.19
CA ASP A 583 18.02 -3.01 13.49
C ASP A 583 18.67 -4.28 14.04
N PHE A 584 18.42 -4.56 15.33
CA PHE A 584 18.91 -5.78 15.95
C PHE A 584 17.75 -6.73 16.28
N SER A 585 16.55 -6.41 15.78
CA SER A 585 15.37 -7.16 16.14
C SER A 585 15.48 -8.62 15.69
N GLY A 586 15.07 -9.55 16.56
CA GLY A 586 14.95 -10.96 16.19
C GLY A 586 16.18 -11.79 16.46
N ASN A 587 17.01 -11.34 17.40
CA ASN A 587 18.24 -12.04 17.74
C ASN A 587 18.14 -12.52 19.17
N SER A 588 19.20 -12.38 19.98
CA SER A 588 19.17 -12.84 21.38
C SER A 588 20.08 -12.04 22.29
N LEU A 589 19.93 -10.72 22.23
CA LEU A 589 20.57 -9.82 23.18
C LEU A 589 20.47 -10.26 24.63
N SER A 590 19.38 -10.96 24.94
CA SER A 590 19.17 -11.53 26.26
C SER A 590 20.33 -12.43 26.60
N GLN A 591 20.61 -13.37 25.70
CA GLN A 591 21.71 -14.34 25.89
C GLN A 591 23.03 -13.65 26.14
N MET A 592 23.26 -12.60 25.38
CA MET A 592 24.53 -11.91 25.38
C MET A 592 24.74 -11.15 26.69
N TRP A 593 23.69 -10.51 27.16
CA TRP A 593 23.79 -9.76 28.40
C TRP A 593 23.68 -10.67 29.60
N ALA A 594 23.01 -11.81 29.44
CA ALA A 594 23.00 -12.83 30.47
C ALA A 594 24.44 -13.28 30.77
N GLU A 595 25.29 -13.27 29.74
CA GLU A 595 26.68 -13.75 29.83
C GLU A 595 27.64 -12.68 30.35
N GLY A 596 27.62 -12.48 31.67
CA GLY A 596 28.58 -11.61 32.36
C GLY A 596 28.63 -10.21 31.77
N ASP A 597 29.81 -9.59 31.80
CA ASP A 597 29.95 -8.20 31.32
C ASP A 597 30.63 -8.04 29.93
N LEU A 598 30.67 -9.12 29.15
CA LEU A 598 31.35 -9.12 27.84
C LEU A 598 30.62 -8.17 26.88
N TYR A 599 29.31 -8.40 26.71
CA TYR A 599 28.53 -7.70 25.70
C TYR A 599 27.74 -6.52 26.26
N LEU A 600 28.07 -6.01 27.44
CA LEU A 600 27.30 -4.88 28.04
C LEU A 600 27.63 -3.50 27.43
N ARG A 601 28.64 -3.42 26.58
CA ARG A 601 28.95 -2.18 25.87
C ARG A 601 28.80 -2.39 24.36
N PHE A 602 28.13 -3.50 24.00
CA PHE A 602 28.02 -3.98 22.63
C PHE A 602 27.41 -3.00 21.62
N PHE A 603 26.72 -1.96 22.09
CA PHE A 603 26.17 -0.92 21.21
C PHE A 603 26.80 0.45 21.44
N GLN A 604 27.75 0.53 22.38
CA GLN A 604 28.27 1.81 22.90
C GLN A 604 29.09 2.59 21.88
N GLY A 605 29.89 1.85 21.11
CA GLY A 605 30.74 2.45 20.08
C GLY A 605 30.02 3.16 18.94
N LEU A 606 28.69 3.06 18.93
CA LEU A 606 27.88 3.64 17.85
C LEU A 606 27.60 5.11 18.15
N ARG A 607 28.68 5.89 18.18
CA ARG A 607 28.67 7.27 18.66
C ARG A 607 27.65 8.18 18.02
N SER A 608 27.23 7.85 16.79
CA SER A 608 26.35 8.75 16.05
C SER A 608 24.90 8.31 16.10
N LEU A 609 24.65 7.14 16.68
CA LEU A 609 23.35 6.47 16.54
C LEU A 609 22.11 7.35 16.80
N ILE A 610 21.06 7.02 16.07
CA ILE A 610 19.78 7.70 16.17
C ILE A 610 18.72 6.70 16.62
N ARG A 611 18.62 5.58 15.90
CA ARG A 611 17.56 4.59 16.11
C ARG A 611 18.13 3.24 16.40
N LEU A 612 17.49 2.49 17.28
CA LEU A 612 17.97 1.15 17.61
C LEU A 612 16.79 0.21 17.87
N ASP A 613 16.61 -0.81 17.04
CA ASP A 613 15.51 -1.76 17.24
C ASP A 613 16.02 -3.01 17.96
N LEU A 614 15.53 -3.22 19.18
CA LEU A 614 15.86 -4.39 20.01
C LEU A 614 14.63 -5.26 20.27
N SER A 615 13.65 -5.15 19.38
CA SER A 615 12.44 -5.94 19.47
C SER A 615 12.72 -7.42 19.25
N GLN A 616 11.97 -8.28 19.92
CA GLN A 616 12.07 -9.74 19.78
C GLN A 616 13.46 -10.28 20.08
N ASN A 617 14.02 -9.87 21.21
CA ASN A 617 15.33 -10.37 21.67
C ASN A 617 15.21 -11.11 22.99
N ARG A 618 13.97 -11.42 23.39
CA ARG A 618 13.67 -12.27 24.55
C ARG A 618 14.06 -11.62 25.85
N LEU A 619 14.41 -10.34 25.81
CA LEU A 619 14.83 -9.63 27.01
C LEU A 619 13.79 -9.81 28.11
N HIS A 620 14.14 -10.58 29.14
CA HIS A 620 13.23 -10.80 30.26
C HIS A 620 13.36 -9.69 31.30
N THR A 621 14.52 -9.03 31.29
CA THR A 621 14.86 -8.02 32.29
C THR A 621 15.82 -6.96 31.74
N LEU A 622 16.23 -6.03 32.59
CA LEU A 622 17.12 -4.94 32.18
C LEU A 622 17.89 -4.34 33.34
N LEU A 623 19.22 -4.33 33.22
CA LEU A 623 20.07 -3.71 34.23
C LEU A 623 20.08 -2.19 34.03
N PRO A 624 20.04 -1.40 35.14
CA PRO A 624 20.35 0.03 34.97
C PRO A 624 21.72 0.29 34.32
N CYS A 625 22.67 -0.63 34.48
CA CYS A 625 23.99 -0.55 33.81
C CYS A 625 23.97 -0.82 32.31
N THR A 626 22.98 -1.57 31.80
CA THR A 626 22.94 -1.87 30.37
C THR A 626 22.33 -0.71 29.56
N LEU A 627 21.39 0.01 30.16
CA LEU A 627 20.71 1.12 29.47
C LEU A 627 21.54 2.42 29.41
N GLY A 628 22.51 2.58 30.31
CA GLY A 628 23.41 3.75 30.27
C GLY A 628 24.50 3.60 29.21
N ASN A 629 24.76 2.35 28.84
CA ASN A 629 25.78 1.99 27.86
C ASN A 629 25.35 2.11 26.38
N LEU A 630 24.11 2.56 26.13
CA LEU A 630 23.66 2.84 24.77
C LEU A 630 24.08 4.26 24.41
N PRO A 631 24.32 4.51 23.11
CA PRO A 631 24.83 5.83 22.69
C PRO A 631 24.01 6.98 23.23
N LYS A 632 24.69 7.99 23.78
CA LYS A 632 24.02 9.15 24.40
C LYS A 632 23.12 9.86 23.40
N SER A 633 23.43 9.68 22.11
CA SER A 633 22.75 10.36 21.00
C SER A 633 21.38 9.79 20.63
N LEU A 634 21.07 8.59 21.14
CA LEU A 634 19.81 7.90 20.85
C LEU A 634 18.57 8.78 20.93
N GLN A 635 17.78 8.71 19.85
CA GLN A 635 16.53 9.45 19.69
C GLN A 635 15.33 8.52 19.63
N LEU A 636 15.49 7.36 18.98
CA LEU A 636 14.43 6.37 18.87
C LEU A 636 14.94 5.04 19.36
N LEU A 637 14.14 4.38 20.18
CA LEU A 637 14.52 3.07 20.73
C LEU A 637 13.30 2.16 20.68
N ARG A 638 13.44 0.93 20.21
CA ARG A 638 12.32 -0.03 20.22
C ARG A 638 12.68 -1.26 20.99
N LEU A 639 11.70 -1.73 21.77
CA LEU A 639 11.84 -2.94 22.58
C LEU A 639 10.60 -3.84 22.44
N ARG A 640 10.01 -3.86 21.24
CA ARG A 640 8.70 -4.50 21.08
C ARG A 640 8.78 -5.97 21.36
N ASN A 641 7.67 -6.56 21.80
CA ASN A 641 7.59 -8.01 21.90
C ASN A 641 8.80 -8.66 22.60
N ASN A 642 9.18 -8.12 23.74
CA ASN A 642 10.13 -8.78 24.64
C ASN A 642 9.35 -9.26 25.86
N TYR A 643 10.00 -9.64 26.95
CA TYR A 643 9.25 -10.08 28.14
C TYR A 643 9.62 -9.25 29.34
N LEU A 644 9.67 -7.94 29.15
CA LEU A 644 9.96 -7.02 30.20
C LEU A 644 8.70 -6.77 31.00
N ALA A 645 8.76 -7.04 32.30
CA ALA A 645 7.66 -6.77 33.22
C ALA A 645 7.95 -5.64 34.23
N PHE A 646 9.23 -5.28 34.38
CA PHE A 646 9.65 -4.13 35.17
C PHE A 646 10.28 -3.17 34.18
N PHE A 647 10.25 -1.88 34.45
CA PHE A 647 11.08 -0.94 33.69
C PHE A 647 11.40 0.35 34.46
N ASN A 648 12.70 0.60 34.66
CA ASN A 648 13.17 1.73 35.47
C ASN A 648 13.17 3.03 34.67
N TRP A 649 12.21 3.89 35.00
CA TRP A 649 12.01 5.14 34.28
C TRP A 649 12.96 6.20 34.80
N SER A 650 13.44 6.02 36.03
CA SER A 650 14.46 6.90 36.60
C SER A 650 15.74 6.84 35.75
N SER A 651 15.91 5.74 35.00
CA SER A 651 17.09 5.59 34.13
C SER A 651 16.95 6.17 32.72
N LEU A 652 15.87 6.89 32.40
CA LEU A 652 15.76 7.55 31.10
C LEU A 652 16.49 8.89 31.11
N THR A 653 17.06 9.26 32.26
CA THR A 653 17.90 10.45 32.36
C THR A 653 19.24 10.20 31.63
N LEU A 654 19.67 8.93 31.61
CA LEU A 654 20.91 8.52 30.93
C LEU A 654 20.83 8.55 29.39
N LEU A 655 19.66 8.87 28.84
CA LEU A 655 19.42 8.98 27.40
C LEU A 655 18.83 10.34 27.09
N PRO A 656 19.57 11.42 27.39
CA PRO A 656 19.01 12.77 27.38
C PRO A 656 18.46 13.21 26.03
N ASN A 657 18.67 12.41 24.99
CA ASN A 657 18.10 12.73 23.68
C ASN A 657 16.87 11.91 23.26
N LEU A 658 16.52 10.90 24.05
CA LEU A 658 15.44 10.02 23.64
C LEU A 658 14.16 10.81 23.41
N GLU A 659 13.52 10.53 22.28
CA GLU A 659 12.25 11.17 21.91
C GLU A 659 11.14 10.16 21.69
N THR A 660 11.52 8.94 21.34
CA THR A 660 10.58 7.87 21.09
C THR A 660 11.06 6.64 21.82
N LEU A 661 10.16 6.01 22.58
CA LEU A 661 10.43 4.72 23.21
C LEU A 661 9.23 3.79 23.01
N ASP A 662 9.50 2.57 22.55
CA ASP A 662 8.46 1.62 22.23
C ASP A 662 8.59 0.39 23.11
N LEU A 663 7.65 0.20 24.03
CA LEU A 663 7.57 -1.02 24.83
C LEU A 663 6.32 -1.88 24.50
N ALA A 664 5.89 -1.89 23.24
CA ALA A 664 4.64 -2.56 22.84
C ALA A 664 4.77 -4.07 22.85
N GLY A 665 3.77 -4.75 23.40
CA GLY A 665 3.75 -6.22 23.40
C GLY A 665 4.72 -6.81 24.42
N ASN A 666 4.69 -6.30 25.64
CA ASN A 666 5.59 -6.76 26.71
C ASN A 666 4.72 -7.27 27.87
N GLN A 667 5.28 -7.32 29.09
CA GLN A 667 4.60 -7.92 30.24
C GLN A 667 4.37 -6.96 31.41
N LEU A 668 4.33 -5.67 31.13
CA LEU A 668 4.20 -4.66 32.18
C LEU A 668 2.85 -4.75 32.92
N LYS A 669 2.93 -4.97 34.23
CA LYS A 669 1.75 -4.93 35.13
C LYS A 669 1.40 -3.50 35.53
N ALA A 670 2.32 -2.55 35.35
CA ALA A 670 2.08 -1.21 35.86
C ALA A 670 3.04 -0.20 35.31
N LEU A 671 2.58 1.05 35.34
CA LEU A 671 3.44 2.18 35.11
C LEU A 671 3.73 2.80 36.46
N SER A 672 4.78 2.28 37.10
CA SER A 672 5.10 2.60 38.49
C SER A 672 6.61 2.50 38.68
N ASN A 673 7.06 2.33 39.92
CA ASN A 673 8.47 2.11 40.26
C ASN A 673 9.30 3.26 39.71
N GLY A 674 8.93 4.46 40.17
CA GLY A 674 9.47 5.70 39.66
C GLY A 674 8.60 6.20 38.52
N SER A 675 8.38 7.50 38.48
CA SER A 675 7.63 8.13 37.41
C SER A 675 8.59 8.58 36.33
N LEU A 676 8.09 9.33 35.35
CA LEU A 676 8.91 9.82 34.25
C LEU A 676 9.72 11.03 34.70
N PRO A 677 11.07 10.93 34.65
CA PRO A 677 11.97 11.93 35.23
C PRO A 677 11.91 13.27 34.49
N SER A 678 11.91 14.38 35.24
CA SER A 678 11.86 15.73 34.63
C SER A 678 13.15 16.02 33.88
N GLY A 679 13.05 16.89 32.88
CA GLY A 679 14.10 17.07 31.89
C GLY A 679 13.86 16.26 30.63
N THR A 680 13.45 14.99 30.81
CA THR A 680 13.23 14.06 29.71
C THR A 680 12.61 14.71 28.48
N GLN A 681 13.17 14.42 27.32
CA GLN A 681 12.76 15.05 26.08
C GLN A 681 11.62 14.29 25.40
N LEU A 682 11.17 13.19 26.02
CA LEU A 682 10.29 12.20 25.38
C LEU A 682 9.08 12.80 24.67
N GLN A 683 8.70 12.20 23.56
CA GLN A 683 7.60 12.70 22.74
C GLN A 683 6.59 11.61 22.42
N ARG A 684 7.09 10.43 22.06
CA ARG A 684 6.25 9.29 21.75
C ARG A 684 6.57 8.16 22.72
N LEU A 685 5.58 7.77 23.50
CA LEU A 685 5.66 6.60 24.34
C LEU A 685 4.61 5.56 23.92
N ASP A 686 5.06 4.37 23.55
CA ASP A 686 4.14 3.30 23.24
C ASP A 686 4.29 2.24 24.29
N VAL A 687 3.29 2.14 25.17
CA VAL A 687 3.16 0.97 26.03
C VAL A 687 1.94 0.08 25.70
N SER A 688 1.54 0.01 24.43
CA SER A 688 0.38 -0.82 24.07
C SER A 688 0.62 -2.32 24.27
N ARG A 689 -0.45 -3.09 24.33
CA ARG A 689 -0.36 -4.55 24.42
C ARG A 689 0.52 -5.03 25.56
N ASN A 690 0.29 -4.50 26.76
CA ASN A 690 0.88 -5.02 27.96
C ASN A 690 -0.24 -5.55 28.86
N SER A 691 -0.05 -5.48 30.17
CA SER A 691 -1.11 -5.78 31.15
C SER A 691 -1.14 -4.70 32.22
N ILE A 692 -1.12 -3.44 31.80
CA ILE A 692 -1.17 -2.36 32.76
C ILE A 692 -2.56 -2.27 33.37
N ILE A 693 -2.66 -2.66 34.65
CA ILE A 693 -3.88 -2.54 35.43
C ILE A 693 -3.87 -1.28 36.30
N PHE A 694 -2.69 -0.74 36.63
CA PHE A 694 -2.65 0.52 37.38
C PHE A 694 -1.45 1.44 37.08
N VAL A 695 -1.67 2.75 37.18
CA VAL A 695 -0.64 3.80 37.02
C VAL A 695 -0.52 4.62 38.31
N VAL A 696 0.70 4.90 38.77
CA VAL A 696 0.92 5.74 39.96
C VAL A 696 0.62 7.20 39.61
N PRO A 697 0.12 8.00 40.58
CA PRO A 697 -0.20 9.37 40.17
C PRO A 697 0.99 10.22 39.69
N GLY A 698 0.71 11.11 38.74
CA GLY A 698 1.72 12.01 38.22
C GLY A 698 2.74 11.38 37.30
N PHE A 699 2.68 10.07 37.10
CA PHE A 699 3.64 9.38 36.22
C PHE A 699 4.07 10.20 35.00
N PHE A 700 3.10 10.59 34.16
CA PHE A 700 3.37 11.35 32.95
C PHE A 700 3.58 12.85 33.16
N ALA A 701 3.40 13.35 34.38
CA ALA A 701 3.32 14.81 34.58
C ALA A 701 4.60 15.54 34.15
N LEU A 702 5.73 15.00 34.58
CA LEU A 702 7.00 15.65 34.37
C LEU A 702 7.49 15.51 32.91
N ALA A 703 6.75 14.78 32.09
CA ALA A 703 7.12 14.55 30.68
C ALA A 703 6.62 15.69 29.81
N THR A 704 7.18 16.86 30.04
CA THR A 704 6.64 18.09 29.49
C THR A 704 6.49 18.09 27.94
N ARG A 705 7.37 17.37 27.26
CA ARG A 705 7.37 17.34 25.80
C ARG A 705 6.52 16.21 25.23
N LEU A 706 6.11 15.26 26.08
CA LEU A 706 5.38 14.07 25.63
C LEU A 706 4.14 14.47 24.83
N ARG A 707 4.11 14.09 23.54
CA ARG A 707 3.00 14.44 22.64
C ARG A 707 2.13 13.24 22.20
N GLU A 708 2.70 12.04 22.16
CA GLU A 708 1.95 10.84 21.79
C GLU A 708 2.07 9.73 22.84
N LEU A 709 0.94 9.26 23.33
CA LEU A 709 0.90 8.17 24.29
C LEU A 709 -0.06 7.08 23.83
N ASN A 710 0.42 5.84 23.81
CA ASN A 710 -0.40 4.68 23.44
C ASN A 710 -0.54 3.73 24.61
N LEU A 711 -1.70 3.75 25.25
CA LEU A 711 -2.01 2.81 26.32
C LEU A 711 -3.10 1.80 25.85
N SER A 712 -3.12 1.48 24.57
CA SER A 712 -4.19 0.61 24.04
C SER A 712 -3.92 -0.87 24.30
N ALA A 713 -4.99 -1.68 24.33
CA ALA A 713 -4.90 -3.13 24.64
C ALA A 713 -4.19 -3.40 25.94
N ASN A 714 -4.86 -3.18 27.07
CA ASN A 714 -4.25 -3.33 28.40
C ASN A 714 -5.29 -3.83 29.38
N ALA A 715 -5.03 -3.71 30.69
CA ALA A 715 -5.98 -4.18 31.71
C ALA A 715 -6.50 -3.01 32.53
N LEU A 716 -6.50 -1.83 31.92
CA LEU A 716 -6.96 -0.64 32.59
C LEU A 716 -8.46 -0.63 32.82
N ARG A 717 -8.86 -0.60 34.08
CA ARG A 717 -10.28 -0.44 34.44
C ARG A 717 -10.73 1.03 34.38
N THR A 718 -9.80 1.97 34.35
CA THR A 718 -10.16 3.39 34.33
C THR A 718 -9.12 4.24 33.60
N VAL A 719 -9.36 5.55 33.56
CA VAL A 719 -8.40 6.53 33.02
C VAL A 719 -8.43 7.78 33.89
N GLU A 720 -7.32 8.13 34.53
CA GLU A 720 -7.32 9.20 35.53
C GLU A 720 -6.55 10.42 35.09
N PRO A 721 -7.03 11.63 35.47
CA PRO A 721 -6.19 12.83 35.23
C PRO A 721 -5.04 12.94 36.25
N SER A 722 -5.16 12.27 37.39
CA SER A 722 -4.13 12.32 38.42
C SER A 722 -2.82 11.75 37.88
N TRP A 723 -2.93 11.00 36.78
CA TRP A 723 -1.78 10.41 36.08
C TRP A 723 -0.98 11.46 35.30
N PHE A 724 -1.66 12.49 34.83
CA PHE A 724 -1.05 13.50 33.98
C PHE A 724 -0.86 14.82 34.75
N GLY A 725 -0.99 14.74 36.08
CA GLY A 725 -0.91 15.92 36.96
C GLY A 725 -1.95 16.95 36.56
N PHE A 726 -1.52 17.93 35.77
CA PHE A 726 -2.37 18.95 35.15
C PHE A 726 -2.22 18.74 33.63
N LEU A 727 -1.69 19.73 32.89
CA LEU A 727 -1.10 19.50 31.55
C LEU A 727 -1.84 18.50 30.64
N ALA A 728 -3.12 18.28 30.95
CA ALA A 728 -3.88 17.20 30.35
C ALA A 728 -3.94 17.45 28.86
N GLY A 729 -4.62 18.53 28.48
CA GLY A 729 -4.75 18.94 27.09
C GLY A 729 -3.49 19.58 26.57
N SER A 730 -2.42 18.78 26.51
CA SER A 730 -1.12 19.12 25.91
C SER A 730 -0.60 17.94 25.04
N LEU A 731 -1.02 16.73 25.41
CA LEU A 731 -0.91 15.58 24.54
C LEU A 731 -1.72 15.82 23.28
N GLU A 732 -1.23 15.32 22.14
CA GLU A 732 -1.97 15.38 20.88
C GLU A 732 -2.68 14.06 20.56
N VAL A 733 -2.06 12.93 20.87
CA VAL A 733 -2.65 11.61 20.59
C VAL A 733 -2.60 10.76 21.84
N LEU A 734 -3.79 10.41 22.35
CA LEU A 734 -3.90 9.58 23.56
C LEU A 734 -4.84 8.40 23.34
N ASP A 735 -4.26 7.22 23.19
CA ASP A 735 -5.03 6.04 22.79
C ASP A 735 -5.31 5.13 23.97
N VAL A 736 -6.60 4.98 24.30
CA VAL A 736 -7.08 4.10 25.38
C VAL A 736 -8.12 3.09 24.93
N SER A 737 -8.07 2.70 23.66
CA SER A 737 -8.99 1.69 23.15
C SER A 737 -8.54 0.33 23.68
N ALA A 738 -9.42 -0.67 23.50
CA ALA A 738 -9.10 -2.01 23.92
C ALA A 738 -8.63 -1.97 25.39
N ASN A 739 -9.50 -1.56 26.29
CA ASN A 739 -9.19 -1.61 27.70
C ASN A 739 -10.46 -1.87 28.46
N PRO A 740 -10.38 -2.70 29.51
CA PRO A 740 -11.58 -3.05 30.22
C PRO A 740 -12.04 -1.96 31.11
N LEU A 741 -12.40 -0.83 30.52
CA LEU A 741 -12.89 0.32 31.27
C LEU A 741 -14.11 -0.06 32.09
N HIS A 742 -14.29 0.55 33.25
CA HIS A 742 -15.41 0.20 34.13
C HIS A 742 -16.50 1.26 34.12
N CYS A 743 -17.46 1.08 33.23
CA CYS A 743 -18.49 2.06 32.97
C CYS A 743 -19.55 2.08 34.06
N ALA A 744 -19.18 2.63 35.22
CA ALA A 744 -20.08 2.80 36.36
C ALA A 744 -20.78 4.16 36.27
N CYS A 745 -22.12 4.18 36.36
CA CYS A 745 -22.89 5.44 36.22
C CYS A 745 -22.69 6.34 37.46
N GLY A 746 -21.74 7.29 37.43
CA GLY A 746 -20.98 7.74 36.26
C GLY A 746 -19.49 7.89 36.54
N ALA A 747 -18.68 7.09 35.84
CA ALA A 747 -17.25 6.96 36.13
C ALA A 747 -16.42 8.23 35.84
N ALA A 748 -15.19 8.23 36.34
CA ALA A 748 -14.36 9.43 36.36
C ALA A 748 -13.47 9.62 35.14
N PHE A 749 -13.25 8.55 34.39
CA PHE A 749 -12.58 8.66 33.09
C PHE A 749 -13.39 9.39 32.03
N VAL A 750 -14.68 9.58 32.24
CA VAL A 750 -15.54 10.21 31.23
C VAL A 750 -15.32 11.71 31.17
N ASP A 751 -15.32 12.38 32.32
CA ASP A 751 -14.98 13.83 32.39
C ASP A 751 -13.63 14.12 31.80
N PHE A 752 -12.63 13.39 32.24
CA PHE A 752 -11.27 13.53 31.71
C PHE A 752 -11.17 13.35 30.18
N LEU A 753 -11.87 12.36 29.63
CA LEU A 753 -11.76 12.08 28.19
C LEU A 753 -12.57 13.04 27.33
N LEU A 754 -13.65 13.60 27.86
CA LEU A 754 -14.45 14.54 27.07
C LEU A 754 -13.65 15.82 26.97
N GLN A 755 -13.04 16.11 28.11
CA GLN A 755 -12.29 17.32 28.33
C GLN A 755 -10.99 17.35 27.54
N VAL A 756 -10.56 16.21 27.00
CA VAL A 756 -9.42 16.18 26.09
C VAL A 756 -9.70 15.46 24.77
N GLN A 757 -10.98 15.19 24.49
CA GLN A 757 -11.42 14.41 23.30
C GLN A 757 -10.65 14.70 22.02
N ALA A 758 -10.41 15.96 21.73
CA ALA A 758 -9.49 16.39 20.67
C ALA A 758 -8.24 15.51 20.42
N ALA A 759 -7.77 14.80 21.44
CA ALA A 759 -6.55 13.97 21.36
C ALA A 759 -6.81 12.47 21.48
N VAL A 760 -8.07 12.08 21.66
CA VAL A 760 -8.44 10.67 21.81
C VAL A 760 -8.99 10.10 20.50
N PRO A 761 -8.16 9.40 19.70
CA PRO A 761 -8.58 8.88 18.40
C PRO A 761 -9.62 7.78 18.47
N GLY A 762 -10.84 8.05 18.05
CA GLY A 762 -11.86 7.01 18.03
C GLY A 762 -12.66 6.97 19.31
N LEU A 763 -12.58 8.04 20.08
CA LEU A 763 -13.40 8.18 21.30
C LEU A 763 -14.89 7.81 21.09
N PRO A 764 -15.49 8.21 19.94
CA PRO A 764 -16.93 7.93 19.78
C PRO A 764 -17.39 6.48 19.69
N SER A 765 -16.49 5.54 19.44
CA SER A 765 -16.93 4.15 19.28
C SER A 765 -15.90 3.06 19.62
N ARG A 766 -14.61 3.32 19.42
CA ARG A 766 -13.55 2.33 19.65
C ARG A 766 -12.99 2.37 21.06
N VAL A 767 -13.56 3.22 21.92
CA VAL A 767 -13.26 3.22 23.37
C VAL A 767 -14.44 2.56 24.06
N LYS A 768 -14.19 1.46 24.77
CA LYS A 768 -15.29 0.57 25.17
C LYS A 768 -15.21 0.11 26.60
N CYS A 769 -16.37 -0.26 27.14
CA CYS A 769 -16.52 -0.84 28.46
C CYS A 769 -16.04 -2.28 28.51
N GLY A 770 -15.27 -2.59 29.56
CA GLY A 770 -15.06 -3.96 29.99
C GLY A 770 -16.16 -4.44 30.95
N SER A 771 -16.92 -3.51 31.53
CA SER A 771 -17.91 -3.87 32.54
C SER A 771 -18.76 -2.68 32.89
N PRO A 772 -19.92 -2.90 33.53
CA PRO A 772 -20.51 -4.19 33.92
C PRO A 772 -21.18 -4.92 32.77
N GLY A 773 -21.65 -6.13 33.10
CA GLY A 773 -22.21 -7.08 32.15
C GLY A 773 -22.74 -6.51 30.87
N GLN A 774 -23.92 -5.91 30.91
CA GLN A 774 -24.64 -5.62 29.66
C GLN A 774 -24.16 -4.35 28.96
N LEU A 775 -23.03 -3.82 29.41
CA LEU A 775 -22.29 -2.79 28.70
C LEU A 775 -20.95 -3.32 28.12
N GLN A 776 -20.55 -4.51 28.56
CA GLN A 776 -19.35 -5.14 28.05
C GLN A 776 -19.35 -5.09 26.54
N GLY A 777 -18.28 -4.56 25.96
CA GLY A 777 -18.09 -4.52 24.52
C GLY A 777 -18.80 -3.38 23.80
N ARG A 778 -19.68 -2.66 24.50
CA ARG A 778 -20.34 -1.49 23.91
C ARG A 778 -19.52 -0.23 24.21
N SER A 779 -19.72 0.83 23.43
CA SER A 779 -19.01 2.10 23.64
C SER A 779 -19.39 2.79 24.95
N ILE A 780 -18.46 3.57 25.50
CA ILE A 780 -18.70 4.26 26.78
C ILE A 780 -19.75 5.36 26.69
N PHE A 781 -20.36 5.51 25.52
CA PHE A 781 -21.40 6.50 25.31
C PHE A 781 -22.75 5.87 24.98
N ALA A 782 -22.78 4.52 24.90
CA ALA A 782 -23.91 3.80 24.29
C ALA A 782 -25.22 3.99 25.06
N GLN A 783 -26.34 3.70 24.37
CA GLN A 783 -27.71 3.98 24.81
C GLN A 783 -28.06 3.85 26.30
N ASP A 784 -27.40 2.92 27.00
CA ASP A 784 -27.51 2.78 28.46
C ASP A 784 -26.39 3.52 29.24
N LEU A 785 -25.64 4.36 28.52
CA LEU A 785 -24.65 5.26 29.11
C LEU A 785 -24.85 6.72 28.73
N ARG A 786 -25.46 6.97 27.57
CA ARG A 786 -25.93 8.31 27.20
C ARG A 786 -27.02 8.84 28.13
N LEU A 787 -27.63 7.93 28.89
CA LEU A 787 -28.55 8.25 29.98
C LEU A 787 -27.81 8.38 31.35
N CYS A 788 -26.47 8.36 31.32
CA CYS A 788 -25.61 8.46 32.54
C CYS A 788 -24.23 9.11 32.24
N LEU A 789 -24.25 10.42 31.96
CA LEU A 789 -23.05 11.15 31.55
C LEU A 789 -22.69 12.26 32.54
#